data_4XVZ
#
_entry.id   4XVZ
#
_cell.length_a   123.864
_cell.length_b   148.587
_cell.length_c   66.855
_cell.angle_alpha   90.00
_cell.angle_beta   120.23
_cell.angle_gamma   90.00
#
_symmetry.space_group_name_H-M   'C 1 2 1'
#
loop_
_entity.id
_entity.type
_entity.pdbx_description
1 polymer "Mycinamicin III 3''-O-methyltransferase"
2 non-polymer 'CHLORIDE ION'
3 non-polymer 'MAGNESIUM ION'
4 water water
#
_entity_poly.entity_id   1
_entity_poly.type   'polypeptide(L)'
_entity_poly.pdbx_seq_one_letter_code
;(MSE)HHHHHHSSGVDLGTENLYFQSNASPSTGVELYLDLLKRTVSNFIYQDATHVAGLITEAAFVEEARESGEDYPTVA
HT(MSE)IG(MSE)KRLNNLQHCVESALRDGVPGDVLETGVWRGGACIFARGILKAYDVRDRTVWVADSFQGFPKITDDD
HP(MSE)DAE(MSE)NLHQYNEAVDLPTSLATVQRNFSRYGLLDDQVRFLPGWFKDT(MSE)PTAPFERLAVLR(MSE)D
GDSYGAT(MSE)DVLTHAYPRLSPGGFAIIDDYCIPACREAVHEYRDRHGISDEIVEIDRQGVYWRRSACNIGSG
;
_entity_poly.pdbx_strand_id   A,B,C,D
#
# COMPACT_ATOMS: atom_id res chain seq x y z
N SER A 25 17.23 20.36 28.21
CA SER A 25 17.45 19.09 27.41
C SER A 25 16.63 17.89 27.95
N PRO A 26 15.58 17.48 27.22
CA PRO A 26 14.69 16.37 27.62
C PRO A 26 15.35 15.03 27.99
N SER A 27 14.86 14.39 29.06
CA SER A 27 15.37 13.08 29.51
C SER A 27 14.30 12.11 30.04
N THR A 28 13.32 12.64 30.74
CA THR A 28 12.17 11.86 31.13
C THR A 28 11.38 11.46 29.84
N GLY A 29 10.57 10.41 29.96
CA GLY A 29 9.65 9.99 28.93
C GLY A 29 8.77 11.12 28.49
N VAL A 30 8.19 11.81 29.47
CA VAL A 30 7.32 12.98 29.18
C VAL A 30 8.04 14.02 28.34
N GLU A 31 9.22 14.44 28.76
CA GLU A 31 9.95 15.51 28.06
C GLU A 31 10.27 15.07 26.63
N LEU A 32 10.68 13.81 26.48
CA LEU A 32 11.03 13.28 25.17
C LEU A 32 9.80 13.25 24.28
N TYR A 33 8.67 12.76 24.80
CA TYR A 33 7.41 12.81 24.05
C TYR A 33 7.06 14.22 23.57
N LEU A 34 7.07 15.15 24.52
CA LEU A 34 6.68 16.54 24.19
C LEU A 34 7.66 17.26 23.26
N ASP A 35 8.96 17.02 23.45
CA ASP A 35 9.93 17.56 22.56
C ASP A 35 9.72 16.99 21.13
N LEU A 36 9.44 15.70 21.04
CA LEU A 36 9.30 15.09 19.71
C LEU A 36 8.02 15.55 19.06
N LEU A 37 6.99 15.69 19.88
CA LEU A 37 5.76 16.18 19.38
C LEU A 37 5.91 17.59 18.80
N LYS A 38 6.67 18.47 19.45
CA LYS A 38 6.86 19.82 18.89
C LYS A 38 7.61 19.74 17.57
N ARG A 39 8.63 18.91 17.53
CA ARG A 39 9.40 18.75 16.34
C ARG A 39 8.58 18.17 15.21
N THR A 40 7.66 17.31 15.58
CA THR A 40 6.83 16.64 14.60
C THR A 40 5.74 17.54 14.04
N VAL A 41 5.04 18.19 14.92
CA VAL A 41 3.91 19.04 14.53
C VAL A 41 4.38 20.19 13.65
N SER A 42 5.61 20.62 13.85
CA SER A 42 6.20 21.72 13.07
C SER A 42 7.04 21.24 11.87
N ASN A 43 6.95 19.93 11.58
CA ASN A 43 7.71 19.24 10.56
C ASN A 43 9.20 19.54 10.51
N PHE A 44 9.81 19.68 11.65
CA PHE A 44 11.25 19.87 11.76
C PHE A 44 11.94 18.56 11.30
N ILE A 45 11.27 17.43 11.46
CA ILE A 45 11.87 16.14 11.11
C ILE A 45 12.19 15.99 9.59
N TYR A 46 11.24 16.36 8.76
CA TYR A 46 11.29 16.08 7.33
C TYR A 46 11.42 17.32 6.43
N GLN A 47 12.15 18.35 6.85
CA GLN A 47 12.67 19.34 5.82
C GLN A 47 13.35 18.73 4.59
N VAL A 75 3.62 21.67 4.06
CA VAL A 75 3.17 20.36 4.57
C VAL A 75 2.81 20.36 6.08
N ALA A 76 3.61 21.10 6.87
CA ALA A 76 3.59 21.12 8.34
C ALA A 76 2.22 21.38 8.95
N HIS A 77 1.95 20.72 10.08
CA HIS A 77 0.67 20.86 10.74
C HIS A 77 0.44 22.21 11.46
N THR A 78 1.52 22.87 11.81
CA THR A 78 1.48 24.27 12.25
C THR A 78 2.82 24.93 11.89
N ILE A 80 3.76 27.80 13.48
CA ILE A 80 3.84 28.90 14.42
C ILE A 80 5.17 29.00 15.08
N GLY A 81 6.00 27.97 15.02
CA GLY A 81 7.36 28.09 15.60
C GLY A 81 7.54 27.67 17.07
N LYS A 83 9.03 29.02 19.79
CA LYS A 83 8.69 29.94 20.85
C LYS A 83 7.21 29.88 21.15
N ARG A 84 6.38 29.81 20.11
CA ARG A 84 4.95 29.83 20.34
C ARG A 84 4.47 28.49 20.81
N LEU A 85 5.03 27.42 20.30
CA LEU A 85 4.71 26.11 20.85
C LEU A 85 5.13 25.98 22.31
N ASN A 86 6.32 26.48 22.63
CA ASN A 86 6.79 26.47 23.99
C ASN A 86 5.88 27.24 24.95
N ASN A 87 5.37 28.38 24.48
CA ASN A 87 4.55 29.18 25.29
C ASN A 87 3.28 28.44 25.57
N LEU A 88 2.77 27.79 24.54
CA LEU A 88 1.52 27.05 24.69
C LEU A 88 1.72 25.93 25.69
N GLN A 89 2.89 25.31 25.66
CA GLN A 89 3.21 24.28 26.62
C GLN A 89 3.28 24.84 28.02
N HIS A 90 3.94 25.97 28.17
CA HIS A 90 4.13 26.61 29.47
C HIS A 90 2.75 26.94 30.07
N CYS A 91 1.83 27.41 29.23
CA CYS A 91 0.54 27.84 29.73
C CYS A 91 -0.26 26.62 30.16
N VAL A 92 -0.31 25.56 29.36
CA VAL A 92 -1.07 24.40 29.78
C VAL A 92 -0.47 23.78 31.04
N GLU A 93 0.85 23.68 31.07
CA GLU A 93 1.55 23.07 32.22
C GLU A 93 1.33 23.90 33.50
N SER A 94 1.37 25.24 33.39
CA SER A 94 1.11 26.06 34.54
C SER A 94 -0.32 25.89 35.02
N ALA A 95 -1.28 25.78 34.12
CA ALA A 95 -2.66 25.57 34.52
C ALA A 95 -2.81 24.23 35.21
N LEU A 96 -2.25 23.20 34.62
CA LEU A 96 -2.33 21.91 35.25
C LEU A 96 -1.69 21.94 36.61
N ARG A 97 -0.53 22.52 36.70
CA ARG A 97 0.21 22.55 37.91
C ARG A 97 -0.49 23.36 39.02
N ASP A 98 -1.01 24.53 38.70
CA ASP A 98 -1.66 25.39 39.67
C ASP A 98 -3.12 25.04 39.85
N GLY A 99 -3.59 23.90 39.32
CA GLY A 99 -5.00 23.53 39.48
C GLY A 99 -6.03 24.52 38.94
N VAL A 100 -5.71 25.18 37.84
CA VAL A 100 -6.63 26.10 37.21
C VAL A 100 -7.61 25.24 36.45
N PRO A 101 -8.89 25.36 36.76
CA PRO A 101 -9.82 24.46 36.09
C PRO A 101 -10.19 24.94 34.68
N GLY A 102 -10.50 23.97 33.81
CA GLY A 102 -11.09 24.26 32.53
C GLY A 102 -10.41 23.61 31.35
N ASP A 103 -11.09 23.76 30.22
CA ASP A 103 -10.63 23.17 29.00
C ASP A 103 -9.68 24.12 28.29
N VAL A 104 -9.19 23.65 27.16
CA VAL A 104 -8.29 24.39 26.34
C VAL A 104 -9.08 24.69 25.08
N LEU A 105 -9.09 25.94 24.65
CA LEU A 105 -9.85 26.31 23.48
C LEU A 105 -8.92 27.02 22.55
N GLU A 106 -8.88 26.54 21.35
CA GLU A 106 -8.13 27.11 20.31
C GLU A 106 -9.10 27.67 19.22
N THR A 107 -9.01 28.95 18.88
CA THR A 107 -9.80 29.48 17.77
C THR A 107 -8.90 29.90 16.62
N GLY A 108 -9.16 29.39 15.42
CA GLY A 108 -8.36 29.76 14.27
C GLY A 108 -7.41 28.61 14.06
N VAL A 109 -7.58 27.89 12.98
CA VAL A 109 -6.91 26.61 12.79
C VAL A 109 -6.48 26.48 11.34
N TRP A 110 -5.21 26.10 11.20
CA TRP A 110 -4.56 25.83 9.94
C TRP A 110 -4.84 24.32 9.70
N ARG A 111 -3.84 23.48 9.93
CA ARG A 111 -3.96 22.07 9.75
C ARG A 111 -4.02 21.35 11.08
N GLY A 112 -3.90 22.08 12.18
CA GLY A 112 -4.24 21.54 13.47
C GLY A 112 -3.10 21.26 14.43
N GLY A 113 -1.88 21.64 14.06
CA GLY A 113 -0.67 21.33 14.83
C GLY A 113 -0.62 21.85 16.25
N ALA A 114 -1.08 23.06 16.44
CA ALA A 114 -1.09 23.60 17.78
C ALA A 114 -2.13 22.90 18.66
N CYS A 115 -3.26 22.50 18.10
CA CYS A 115 -4.27 21.77 18.87
C CYS A 115 -3.90 20.35 19.14
N ILE A 116 -3.24 19.75 18.17
CA ILE A 116 -2.70 18.44 18.37
C ILE A 116 -1.72 18.49 19.52
N PHE A 117 -0.85 19.49 19.48
CA PHE A 117 0.13 19.63 20.54
C PHE A 117 -0.55 19.77 21.91
N ALA A 118 -1.59 20.58 21.97
CA ALA A 118 -2.32 20.74 23.24
C ALA A 118 -2.91 19.40 23.72
N ARG A 119 -3.49 18.60 22.84
CA ARG A 119 -4.04 17.33 23.28
C ARG A 119 -2.91 16.43 23.76
N GLY A 120 -1.80 16.53 23.08
CA GLY A 120 -0.66 15.77 23.48
C GLY A 120 -0.12 16.06 24.85
N ILE A 121 -0.10 17.34 25.19
CA ILE A 121 0.38 17.72 26.51
C ILE A 121 -0.52 17.05 27.52
N LEU A 122 -1.83 17.09 27.31
CA LEU A 122 -2.74 16.56 28.33
C LEU A 122 -2.53 15.07 28.43
N LYS A 123 -2.30 14.46 27.28
CA LYS A 123 -2.04 13.02 27.21
C LYS A 123 -0.76 12.60 27.96
N ALA A 124 0.26 13.43 27.84
CA ALA A 124 1.53 13.19 28.46
C ALA A 124 1.42 13.09 29.94
N TYR A 125 0.56 13.91 30.52
CA TYR A 125 0.32 13.92 31.97
C TYR A 125 -0.94 13.17 32.31
N ASP A 126 -1.43 12.40 31.37
CA ASP A 126 -2.56 11.53 31.63
C ASP A 126 -3.69 12.27 32.29
N VAL A 127 -4.06 13.39 31.70
CA VAL A 127 -5.20 14.19 32.16
C VAL A 127 -6.43 13.71 31.39
N ARG A 128 -7.45 13.26 32.14
CA ARG A 128 -8.62 12.63 31.52
C ARG A 128 -9.87 13.47 31.55
N ASP A 129 -9.80 14.60 32.24
CA ASP A 129 -10.96 15.39 32.59
C ASP A 129 -10.92 16.80 31.97
N ARG A 130 -10.13 16.98 30.90
CA ARG A 130 -10.10 18.23 30.15
C ARG A 130 -10.13 17.97 28.68
N THR A 131 -10.66 18.95 27.96
CA THR A 131 -10.92 18.82 26.53
C THR A 131 -10.27 19.92 25.73
N VAL A 132 -9.87 19.58 24.50
CA VAL A 132 -9.30 20.55 23.60
C VAL A 132 -10.39 20.83 22.61
N TRP A 133 -10.91 22.04 22.64
CA TRP A 133 -11.88 22.49 21.67
C TRP A 133 -11.18 23.14 20.47
N VAL A 134 -11.58 22.78 19.27
CA VAL A 134 -10.93 23.22 18.09
C VAL A 134 -11.98 23.93 17.27
N ALA A 135 -11.96 25.26 17.29
CA ALA A 135 -12.96 26.11 16.61
C ALA A 135 -12.43 26.83 15.36
N ASP A 136 -13.15 26.75 14.24
CA ASP A 136 -12.76 27.44 13.00
C ASP A 136 -13.91 27.36 12.00
N SER A 137 -13.86 28.18 10.95
CA SER A 137 -14.74 28.05 9.77
C SER A 137 -14.61 26.73 9.04
N PHE A 138 -13.37 26.42 8.67
CA PHE A 138 -13.06 25.37 7.72
C PHE A 138 -13.68 25.71 6.36
N THR A 168 -6.77 22.03 5.71
CA THR A 168 -7.68 23.04 6.22
C THR A 168 -9.20 22.75 6.09
N SER A 169 -9.58 21.54 5.69
CA SER A 169 -10.97 21.09 5.86
C SER A 169 -11.02 20.34 7.18
N LEU A 170 -12.22 20.21 7.71
CA LEU A 170 -12.37 19.54 9.01
C LEU A 170 -11.88 18.08 9.00
N ALA A 171 -12.24 17.37 7.95
CA ALA A 171 -11.80 15.99 7.74
C ALA A 171 -10.29 15.91 7.80
N THR A 172 -9.63 16.80 7.07
CA THR A 172 -8.16 16.84 7.11
C THR A 172 -7.63 16.96 8.55
N VAL A 173 -8.20 17.87 9.31
CA VAL A 173 -7.71 18.10 10.65
C VAL A 173 -7.90 16.87 11.57
N GLN A 174 -9.05 16.25 11.48
CA GLN A 174 -9.29 14.99 12.17
C GLN A 174 -8.31 13.89 11.78
N ARG A 175 -8.07 13.76 10.48
CA ARG A 175 -7.14 12.78 10.00
C ARG A 175 -5.82 13.08 10.68
N ASN A 176 -5.43 14.36 10.70
CA ASN A 176 -4.12 14.68 11.28
C ASN A 176 -3.99 14.26 12.73
N PHE A 177 -4.99 14.57 13.55
CA PHE A 177 -5.01 14.16 14.97
C PHE A 177 -4.80 12.65 15.05
N SER A 178 -5.55 11.98 14.18
CA SER A 178 -5.58 10.55 14.09
C SER A 178 -4.20 9.98 13.81
N ARG A 179 -3.42 10.66 12.97
CA ARG A 179 -2.07 10.23 12.64
C ARG A 179 -1.19 10.17 13.88
N TYR A 180 -1.46 11.00 14.90
CA TYR A 180 -0.63 10.99 16.11
C TYR A 180 -1.26 10.14 17.20
N GLY A 181 -2.32 9.39 16.90
CA GLY A 181 -3.00 8.65 17.97
C GLY A 181 -3.68 9.54 19.02
N LEU A 182 -4.08 10.75 18.61
CA LEU A 182 -4.61 11.69 19.54
C LEU A 182 -5.98 12.15 19.15
N LEU A 183 -6.67 11.46 18.23
CA LEU A 183 -8.08 11.74 17.95
C LEU A 183 -8.98 10.89 18.84
N ASP A 184 -9.64 11.52 19.80
CA ASP A 184 -10.38 10.84 20.82
C ASP A 184 -11.43 11.79 21.44
N ASP A 185 -12.07 11.35 22.51
CA ASP A 185 -13.28 12.00 23.03
C ASP A 185 -12.93 13.30 23.75
N GLN A 186 -11.65 13.48 24.05
CA GLN A 186 -11.13 14.71 24.62
C GLN A 186 -10.65 15.76 23.60
N VAL A 187 -11.02 15.56 22.34
CA VAL A 187 -10.87 16.59 21.30
C VAL A 187 -12.25 16.82 20.71
N ARG A 188 -12.74 18.04 20.66
CA ARG A 188 -14.06 18.30 20.13
C ARG A 188 -13.98 19.49 19.19
N PHE A 189 -14.73 19.46 18.10
CA PHE A 189 -14.59 20.44 17.05
C PHE A 189 -15.76 21.36 17.03
N LEU A 190 -15.54 22.62 16.69
CA LEU A 190 -16.61 23.62 16.58
C LEU A 190 -16.52 24.33 15.22
N PRO A 191 -17.04 23.70 14.18
CA PRO A 191 -17.08 24.34 12.89
C PRO A 191 -18.10 25.45 12.81
N GLY A 192 -17.72 26.54 12.15
CA GLY A 192 -18.60 27.70 11.99
C GLY A 192 -17.94 29.03 12.33
N TRP A 193 -18.69 30.10 12.12
CA TRP A 193 -18.20 31.42 12.44
C TRP A 193 -18.31 31.52 13.93
N PHE A 194 -17.38 32.27 14.52
CA PHE A 194 -17.26 32.35 15.97
C PHE A 194 -18.47 33.01 16.65
N LYS A 195 -19.09 33.99 15.98
CA LYS A 195 -20.32 34.60 16.55
C LYS A 195 -21.44 33.56 16.73
N ASP A 196 -21.46 32.55 15.86
CA ASP A 196 -22.43 31.48 15.95
C ASP A 196 -22.03 30.39 16.92
N THR A 197 -20.75 29.97 16.85
CA THR A 197 -20.31 28.78 17.58
C THR A 197 -20.01 29.00 19.07
N PRO A 199 -21.18 31.39 21.74
CA PRO A 199 -22.16 31.48 22.85
C PRO A 199 -22.66 30.14 23.41
N THR A 200 -22.80 29.14 22.56
CA THR A 200 -23.42 27.87 22.95
C THR A 200 -22.47 26.71 23.18
N ALA A 201 -21.17 26.93 23.08
CA ALA A 201 -20.25 25.81 23.11
C ALA A 201 -20.31 25.19 24.48
N PRO A 202 -20.37 23.87 24.55
CA PRO A 202 -20.68 23.22 25.81
C PRO A 202 -19.66 23.30 26.91
N PHE A 203 -18.60 24.10 26.76
CA PHE A 203 -17.60 24.14 27.83
C PHE A 203 -18.02 25.13 28.92
N GLU A 204 -17.78 24.77 30.17
CA GLU A 204 -18.20 25.63 31.21
C GLU A 204 -17.06 26.55 31.56
N ARG A 205 -15.84 26.04 31.46
CA ARG A 205 -14.67 26.82 31.84
C ARG A 205 -13.53 26.58 30.95
N LEU A 206 -12.68 27.58 30.86
CA LEU A 206 -11.43 27.42 30.15
C LEU A 206 -10.20 27.69 31.04
N ALA A 207 -9.14 26.89 30.85
CA ALA A 207 -7.85 27.17 31.44
C ALA A 207 -6.87 27.87 30.50
N VAL A 208 -7.07 27.67 29.23
CA VAL A 208 -6.27 28.29 28.22
C VAL A 208 -7.17 28.64 27.06
N LEU A 209 -7.04 29.86 26.57
CA LEU A 209 -7.79 30.33 25.42
C LEU A 209 -6.81 30.94 24.47
N ARG A 210 -6.65 30.34 23.31
CA ARG A 210 -5.65 30.76 22.37
C ARG A 210 -6.27 31.21 21.05
N ASP A 212 -5.87 32.63 17.19
CA ASP A 212 -4.96 32.72 16.05
C ASP A 212 -5.74 33.35 14.92
N GLY A 213 -5.24 34.42 14.32
CA GLY A 213 -6.03 35.19 13.33
C GLY A 213 -5.85 36.67 13.55
N ASP A 214 -5.81 37.44 12.48
CA ASP A 214 -5.45 38.85 12.59
C ASP A 214 -6.63 39.76 12.38
N SER A 215 -7.79 39.16 12.37
CA SER A 215 -8.98 39.95 12.15
C SER A 215 -9.54 40.54 13.47
N TYR A 216 -9.88 41.81 13.41
CA TYR A 216 -10.52 42.45 14.52
C TYR A 216 -11.77 41.67 14.97
N GLY A 217 -12.58 41.29 13.99
CA GLY A 217 -13.92 40.73 14.24
C GLY A 217 -13.84 39.36 14.91
N ALA A 218 -12.99 38.50 14.38
CA ALA A 218 -12.81 37.20 14.98
C ALA A 218 -12.30 37.33 16.44
N THR A 219 -11.27 38.16 16.59
CA THR A 219 -10.69 38.42 17.88
C THR A 219 -11.74 38.95 18.90
N ASP A 221 -15.07 38.66 18.68
CA ASP A 221 -16.12 37.67 18.87
C ASP A 221 -15.70 36.65 19.93
N VAL A 222 -14.47 36.13 19.81
CA VAL A 222 -13.98 35.15 20.76
C VAL A 222 -13.83 35.75 22.18
N LEU A 223 -13.27 36.93 22.29
CA LEU A 223 -13.15 37.56 23.56
C LEU A 223 -14.53 37.74 24.20
N THR A 224 -15.50 38.18 23.41
CA THR A 224 -16.79 38.61 23.97
C THR A 224 -17.52 37.41 24.54
N HIS A 225 -17.46 36.31 23.81
CA HIS A 225 -18.27 35.13 24.13
C HIS A 225 -17.53 33.99 24.80
N ALA A 226 -16.20 34.06 24.87
CA ALA A 226 -15.45 32.99 25.51
C ALA A 226 -14.57 33.43 26.64
N TYR A 227 -14.00 34.60 26.56
CA TYR A 227 -13.15 35.03 27.65
C TYR A 227 -13.87 34.99 29.00
N PRO A 228 -15.16 35.27 29.04
CA PRO A 228 -15.75 35.26 30.39
C PRO A 228 -15.76 33.89 31.02
N ARG A 229 -15.62 32.84 30.22
CA ARG A 229 -15.46 31.50 30.79
C ARG A 229 -14.03 31.11 31.15
N LEU A 230 -13.07 32.01 30.95
CA LEU A 230 -11.71 31.73 31.30
C LEU A 230 -11.44 31.87 32.79
N SER A 231 -11.07 30.78 33.44
CA SER A 231 -10.84 30.79 34.87
C SER A 231 -9.76 31.80 35.26
N PRO A 232 -9.87 32.37 36.45
CA PRO A 232 -8.73 33.04 37.04
C PRO A 232 -7.50 32.13 37.05
N GLY A 233 -6.35 32.68 36.73
CA GLY A 233 -5.17 31.91 36.57
C GLY A 233 -5.04 31.35 35.17
N GLY A 234 -6.09 31.47 34.37
CA GLY A 234 -6.04 30.98 33.03
C GLY A 234 -5.29 31.91 32.11
N PHE A 235 -5.03 31.45 30.89
CA PHE A 235 -4.18 32.21 29.96
C PHE A 235 -4.92 32.60 28.70
N ALA A 236 -4.74 33.81 28.28
CA ALA A 236 -5.23 34.18 27.00
C ALA A 236 -4.05 34.52 26.11
N ILE A 237 -3.93 33.82 25.00
CA ILE A 237 -2.79 33.88 24.10
C ILE A 237 -3.27 34.45 22.77
N ILE A 238 -2.57 35.43 22.25
CA ILE A 238 -3.02 36.13 21.04
C ILE A 238 -1.90 35.95 20.04
N ASP A 239 -2.11 35.14 19.06
CA ASP A 239 -1.03 34.82 18.13
C ASP A 239 -0.63 35.94 17.24
N ASP A 240 -1.56 36.75 16.80
CA ASP A 240 -1.22 37.75 15.78
C ASP A 240 -1.40 39.19 16.27
N TYR A 241 -1.02 39.38 17.52
CA TYR A 241 -1.11 40.67 18.19
C TYR A 241 -0.41 41.82 17.51
N CYS A 242 0.70 41.54 16.81
CA CYS A 242 1.44 42.63 16.18
C CYS A 242 0.60 43.29 15.09
N ILE A 243 -0.41 42.60 14.60
CA ILE A 243 -1.28 43.17 13.55
C ILE A 243 -2.27 44.17 14.17
N PRO A 244 -2.27 45.41 13.69
CA PRO A 244 -3.01 46.49 14.38
C PRO A 244 -4.45 46.16 14.65
N ALA A 245 -5.11 45.52 13.71
CA ALA A 245 -6.53 45.24 13.91
C ALA A 245 -6.75 44.33 15.10
N CYS A 246 -5.86 43.36 15.22
CA CYS A 246 -5.91 42.39 16.25
C CYS A 246 -5.65 43.08 17.57
N ARG A 247 -4.59 43.85 17.59
CA ARG A 247 -4.21 44.65 18.76
C ARG A 247 -5.35 45.49 19.28
N GLU A 248 -6.02 46.13 18.36
CA GLU A 248 -7.08 47.05 18.69
C GLU A 248 -8.25 46.32 19.27
N ALA A 249 -8.59 45.16 18.72
CA ALA A 249 -9.64 44.36 19.30
C ALA A 249 -9.29 44.00 20.71
N VAL A 250 -8.01 43.66 20.93
CA VAL A 250 -7.54 43.28 22.24
C VAL A 250 -7.57 44.46 23.21
N HIS A 251 -7.11 45.64 22.79
CA HIS A 251 -7.22 46.79 23.72
C HIS A 251 -8.60 47.22 24.02
N GLU A 252 -9.45 47.15 23.03
CA GLU A 252 -10.80 47.64 23.24
C GLU A 252 -11.52 46.72 24.22
N TYR A 253 -11.36 45.40 24.03
CA TYR A 253 -12.00 44.49 24.90
C TYR A 253 -11.52 44.68 26.33
N ARG A 254 -10.21 44.81 26.51
CA ARG A 254 -9.67 44.96 27.86
C ARG A 254 -10.13 46.23 28.55
N ASP A 255 -10.06 47.34 27.83
CA ASP A 255 -10.45 48.64 28.38
C ASP A 255 -11.94 48.66 28.70
N ARG A 256 -12.76 48.07 27.85
CA ARG A 256 -14.18 47.98 28.14
C ARG A 256 -14.42 47.18 29.42
N HIS A 257 -13.61 46.17 29.73
CA HIS A 257 -13.90 45.34 30.88
C HIS A 257 -12.96 45.61 32.05
N GLY A 258 -12.22 46.70 32.00
CA GLY A 258 -11.34 47.02 33.12
C GLY A 258 -10.17 46.06 33.35
N ILE A 259 -9.70 45.39 32.29
CA ILE A 259 -8.69 44.37 32.45
C ILE A 259 -7.32 44.94 32.22
N SER A 260 -6.46 44.81 33.20
CA SER A 260 -5.11 45.36 33.06
C SER A 260 -4.05 44.35 33.38
N ASP A 261 -4.36 43.07 33.29
CA ASP A 261 -3.41 42.05 33.50
C ASP A 261 -2.22 42.16 32.55
N GLU A 262 -1.04 41.90 33.00
CA GLU A 262 0.12 42.20 32.15
C GLU A 262 0.14 41.48 30.84
N ILE A 263 0.36 42.23 29.76
CA ILE A 263 0.57 41.65 28.44
C ILE A 263 2.04 41.29 28.30
N VAL A 264 2.35 40.01 28.10
CA VAL A 264 3.66 39.49 28.08
C VAL A 264 4.06 39.06 26.69
N GLU A 265 5.21 39.47 26.26
CA GLU A 265 5.62 39.17 24.90
C GLU A 265 6.04 37.69 24.75
N ILE A 266 5.65 37.04 23.65
CA ILE A 266 6.11 35.70 23.37
C ILE A 266 7.19 35.76 22.34
N ASP A 267 6.95 36.49 21.25
CA ASP A 267 7.97 36.69 20.18
C ASP A 267 7.63 37.94 19.37
N ARG A 268 7.99 38.01 18.11
CA ARG A 268 7.79 39.24 17.39
C ARG A 268 6.32 39.53 17.11
N GLN A 269 5.48 38.51 17.19
CA GLN A 269 4.10 38.70 16.84
C GLN A 269 3.05 38.35 17.89
N GLY A 270 3.33 37.44 18.78
CA GLY A 270 2.33 37.06 19.75
C GLY A 270 2.54 37.54 21.16
N VAL A 271 1.45 37.57 21.93
CA VAL A 271 1.55 37.83 23.38
C VAL A 271 0.57 37.00 24.14
N TYR A 272 0.66 37.07 25.46
CA TYR A 272 -0.41 36.53 26.25
C TYR A 272 -0.60 37.28 27.54
N TRP A 273 -1.63 36.96 28.27
CA TRP A 273 -1.80 37.46 29.63
C TRP A 273 -2.49 36.44 30.46
N ARG A 274 -2.20 36.51 31.74
CA ARG A 274 -2.76 35.59 32.69
C ARG A 274 -3.87 36.36 33.47
N ARG A 275 -5.05 35.80 33.47
CA ARG A 275 -6.21 36.37 34.12
C ARG A 275 -6.16 36.35 35.64
N SER A 276 -6.26 37.55 36.22
CA SER A 276 -6.37 37.67 37.69
C SER A 276 -7.88 37.72 38.12
N ALA A 277 -8.21 37.16 39.25
CA ALA A 277 -9.56 37.21 39.79
C ALA A 277 -9.90 38.64 40.12
N CYS A 278 -11.18 38.98 40.29
CA CYS A 278 -11.49 40.39 40.78
C CYS A 278 -10.95 40.69 42.21
N ASN A 279 -10.69 41.96 42.52
CA ASN A 279 -10.06 42.31 43.82
C ASN A 279 -10.98 42.12 45.01
N ILE A 280 -10.40 42.12 46.20
CA ILE A 280 -11.12 41.81 47.42
C ILE A 280 -10.56 42.66 48.57
N ALA B 24 0.23 -1.42 24.20
CA ALA B 24 -1.00 -1.75 23.38
C ALA B 24 -1.86 -0.50 23.10
N SER B 25 -2.18 0.24 24.16
CA SER B 25 -2.51 1.65 24.00
C SER B 25 -1.64 2.48 24.96
N PRO B 26 -0.63 3.17 24.42
CA PRO B 26 0.35 3.94 25.20
C PRO B 26 -0.27 4.96 26.13
N SER B 27 0.29 5.08 27.33
CA SER B 27 -0.16 6.10 28.29
C SER B 27 0.93 6.74 29.20
N THR B 28 1.94 5.98 29.54
CA THR B 28 3.13 6.51 30.18
C THR B 28 3.86 7.40 29.16
N GLY B 29 4.68 8.30 29.68
CA GLY B 29 5.55 9.14 28.87
C GLY B 29 6.42 8.33 27.93
N VAL B 30 7.03 7.27 28.46
CA VAL B 30 7.88 6.36 27.69
C VAL B 30 7.12 5.73 26.52
N GLU B 31 5.96 5.12 26.78
CA GLU B 31 5.15 4.51 25.72
C GLU B 31 4.75 5.55 24.65
N LEU B 32 4.36 6.76 25.09
CA LEU B 32 3.97 7.78 24.16
C LEU B 32 5.16 8.18 23.29
N TYR B 33 6.31 8.41 23.92
CA TYR B 33 7.52 8.77 23.15
C TYR B 33 7.85 7.72 22.06
N LEU B 34 7.90 6.49 22.49
CA LEU B 34 8.22 5.41 21.59
C LEU B 34 7.16 5.23 20.51
N ASP B 35 5.88 5.31 20.87
CA ASP B 35 4.86 5.18 19.89
C ASP B 35 5.04 6.29 18.84
N LEU B 36 5.32 7.50 19.30
CA LEU B 36 5.37 8.61 18.39
C LEU B 36 6.63 8.45 17.50
N LEU B 37 7.70 7.96 18.12
CA LEU B 37 8.94 7.78 17.40
C LEU B 37 8.76 6.73 16.30
N LYS B 38 8.02 5.68 16.56
CA LYS B 38 7.66 4.74 15.48
C LYS B 38 6.86 5.39 14.36
N ARG B 39 5.84 6.16 14.73
CA ARG B 39 5.01 6.80 13.74
C ARG B 39 5.82 7.78 12.91
N THR B 40 6.81 8.38 13.55
CA THR B 40 7.59 9.42 12.93
C THR B 40 8.64 8.87 11.99
N VAL B 41 9.35 7.91 12.48
CA VAL B 41 10.41 7.32 11.74
C VAL B 41 9.87 6.63 10.48
N SER B 42 8.62 6.16 10.54
CA SER B 42 7.98 5.51 9.37
C SER B 42 7.17 6.48 8.49
N ASN B 43 7.27 7.77 8.79
CA ASN B 43 6.46 8.82 8.21
C ASN B 43 4.96 8.59 8.11
N PHE B 44 4.37 7.94 9.11
CA PHE B 44 2.94 7.75 9.20
C PHE B 44 2.25 9.13 9.37
N ILE B 45 2.95 10.10 9.99
CA ILE B 45 2.38 11.40 10.28
C ILE B 45 1.99 12.16 9.03
N TYR B 46 2.92 12.22 8.08
CA TYR B 46 2.78 13.10 6.93
C TYR B 46 2.59 12.37 5.57
N GLN B 47 1.99 11.20 5.53
CA GLN B 47 1.73 10.53 4.26
C GLN B 47 0.24 10.73 3.94
N VAL B 75 10.24 9.48 1.13
CA VAL B 75 10.73 10.44 2.15
C VAL B 75 11.15 9.76 3.49
N ALA B 76 10.34 8.76 3.90
CA ALA B 76 10.43 8.12 5.23
C ALA B 76 11.81 7.59 5.60
N HIS B 77 12.14 7.67 6.88
CA HIS B 77 13.43 7.21 7.35
C HIS B 77 13.63 5.67 7.41
N THR B 78 12.54 4.94 7.48
CA THR B 78 12.53 3.49 7.30
C THR B 78 11.16 3.08 6.77
N ILE B 80 10.12 -0.17 6.99
CA ILE B 80 10.00 -1.55 7.40
C ILE B 80 8.65 -1.88 8.05
N GLY B 81 7.90 -0.87 8.48
CA GLY B 81 6.55 -1.14 9.00
C GLY B 81 6.47 -1.36 10.51
N LYS B 83 4.97 -3.78 12.40
CA LYS B 83 5.26 -5.08 12.99
C LYS B 83 6.75 -5.22 13.22
N ARG B 84 7.54 -4.75 12.26
CA ARG B 84 8.98 -4.92 12.41
C ARG B 84 9.58 -3.92 13.41
N LEU B 85 9.08 -2.69 13.41
CA LEU B 85 9.51 -1.75 14.43
C LEU B 85 9.12 -2.26 15.83
N ASN B 86 7.92 -2.82 15.95
CA ASN B 86 7.49 -3.39 17.21
C ASN B 86 8.35 -4.52 17.68
N ASN B 87 8.77 -5.36 16.73
CA ASN B 87 9.62 -6.47 17.10
C ASN B 87 10.98 -5.98 17.59
N LEU B 88 11.52 -4.98 16.91
CA LEU B 88 12.78 -4.43 17.32
C LEU B 88 12.66 -3.85 18.73
N GLN B 89 11.55 -3.20 19.01
CA GLN B 89 11.32 -2.65 20.34
C GLN B 89 11.25 -3.78 21.40
N HIS B 90 10.47 -4.81 21.11
CA HIS B 90 10.33 -5.95 22.02
C HIS B 90 11.73 -6.56 22.31
N CYS B 91 12.58 -6.67 21.29
CA CYS B 91 13.88 -7.28 21.49
C CYS B 91 14.75 -6.39 22.39
N VAL B 92 14.81 -5.09 22.12
CA VAL B 92 15.68 -4.23 22.91
C VAL B 92 15.16 -4.20 24.35
N GLU B 93 13.83 -4.11 24.50
CA GLU B 93 13.23 -4.03 25.83
C GLU B 93 13.46 -5.31 26.62
N SER B 94 13.34 -6.45 25.95
CA SER B 94 13.62 -7.71 26.63
C SER B 94 15.06 -7.78 27.09
N ALA B 95 15.98 -7.33 26.27
CA ALA B 95 17.40 -7.38 26.63
C ALA B 95 17.65 -6.49 27.82
N LEU B 96 17.16 -5.28 27.74
CA LEU B 96 17.30 -4.39 28.85
C LEU B 96 16.72 -4.98 30.13
N ARG B 97 15.49 -5.49 30.04
CA ARG B 97 14.80 -6.01 31.23
C ARG B 97 15.54 -7.21 31.79
N ASP B 98 15.96 -8.14 30.93
CA ASP B 98 16.59 -9.37 31.40
C ASP B 98 18.10 -9.23 31.66
N GLY B 99 18.63 -8.02 31.66
CA GLY B 99 20.06 -7.80 31.89
C GLY B 99 21.00 -8.47 30.90
N VAL B 100 20.58 -8.62 29.63
CA VAL B 100 21.43 -9.19 28.56
C VAL B 100 22.44 -8.12 28.17
N PRO B 101 23.71 -8.37 28.38
CA PRO B 101 24.67 -7.31 28.11
C PRO B 101 24.94 -7.14 26.63
N GLY B 102 25.27 -5.91 26.26
CA GLY B 102 25.82 -5.64 24.95
C GLY B 102 25.18 -4.48 24.21
N ASP B 103 25.79 -4.17 23.07
CA ASP B 103 25.30 -3.11 22.23
C ASP B 103 24.24 -3.63 21.26
N VAL B 104 23.71 -2.69 20.51
CA VAL B 104 22.78 -2.98 19.44
C VAL B 104 23.53 -2.77 18.15
N LEU B 105 23.45 -3.72 17.23
CA LEU B 105 24.12 -3.58 15.93
C LEU B 105 23.12 -3.78 14.87
N GLU B 106 23.06 -2.79 14.01
CA GLU B 106 22.24 -2.84 12.84
C GLU B 106 23.12 -2.92 11.57
N THR B 107 22.93 -3.93 10.72
CA THR B 107 23.67 -3.95 9.43
C THR B 107 22.74 -3.82 8.26
N GLY B 108 22.96 -2.84 7.41
CA GLY B 108 22.09 -2.62 6.25
C GLY B 108 21.20 -1.46 6.62
N VAL B 109 21.36 -0.35 5.93
CA VAL B 109 20.74 0.89 6.33
C VAL B 109 20.28 1.66 5.12
N TRP B 110 19.04 2.10 5.22
CA TRP B 110 18.38 2.93 4.26
C TRP B 110 18.72 4.38 4.67
N ARG B 111 17.76 5.06 5.27
CA ARG B 111 17.95 6.43 5.71
C ARG B 111 18.08 6.52 7.22
N GLY B 112 17.97 5.38 7.90
CA GLY B 112 18.41 5.26 9.28
C GLY B 112 17.31 5.12 10.32
N GLY B 113 16.07 5.01 9.89
CA GLY B 113 14.91 5.00 10.78
C GLY B 113 14.90 3.93 11.85
N ALA B 114 15.32 2.72 11.47
CA ALA B 114 15.31 1.66 12.45
C ALA B 114 16.39 1.89 13.50
N CYS B 115 17.52 2.49 13.11
CA CYS B 115 18.62 2.75 14.05
C CYS B 115 18.33 3.91 14.95
N ILE B 116 17.66 4.89 14.38
CA ILE B 116 17.20 5.99 15.11
C ILE B 116 16.26 5.46 16.18
N PHE B 117 15.35 4.59 15.79
CA PHE B 117 14.41 4.05 16.74
C PHE B 117 15.12 3.35 17.87
N ALA B 118 16.12 2.57 17.53
CA ALA B 118 16.86 1.86 18.55
C ALA B 118 17.50 2.83 19.52
N ARG B 119 18.07 3.93 19.04
CA ARG B 119 18.76 4.85 19.93
C ARG B 119 17.68 5.46 20.82
N GLY B 120 16.54 5.70 20.22
CA GLY B 120 15.42 6.27 20.95
C GLY B 120 14.95 5.39 22.08
N ILE B 121 14.92 4.09 21.86
CA ILE B 121 14.50 3.20 22.89
C ILE B 121 15.47 3.32 24.05
N LEU B 122 16.78 3.32 23.77
CA LEU B 122 17.75 3.38 24.86
C LEU B 122 17.63 4.70 25.60
N LYS B 123 17.39 5.77 24.86
CA LYS B 123 17.15 7.10 25.42
C LYS B 123 15.91 7.22 26.35
N ALA B 124 14.83 6.56 25.94
CA ALA B 124 13.60 6.53 26.67
C ALA B 124 13.77 5.95 28.06
N TYR B 125 14.60 4.91 28.20
CA TYR B 125 14.91 4.27 29.49
C TYR B 125 16.22 4.81 30.07
N ASP B 126 16.69 5.95 29.54
CA ASP B 126 17.89 6.59 30.03
C ASP B 126 19.05 5.62 30.23
N VAL B 127 19.36 4.85 29.19
CA VAL B 127 20.44 3.88 29.22
C VAL B 127 21.64 4.62 28.67
N ARG B 128 22.70 4.68 29.46
CA ARG B 128 23.89 5.45 29.10
C ARG B 128 25.10 4.60 28.74
N ASP B 129 24.98 3.29 28.91
CA ASP B 129 26.12 2.36 28.84
C ASP B 129 26.03 1.36 27.65
N ARG B 130 25.23 1.67 26.64
CA ARG B 130 25.11 0.85 25.44
C ARG B 130 25.11 1.74 24.21
N THR B 131 25.51 1.15 23.10
CA THR B 131 25.70 1.87 21.86
C THR B 131 24.91 1.24 20.71
N VAL B 132 24.50 2.09 19.80
CA VAL B 132 23.86 1.65 18.58
C VAL B 132 24.90 1.77 17.50
N TRP B 133 25.34 0.63 16.96
CA TRP B 133 26.27 0.58 15.80
C TRP B 133 25.50 0.55 14.51
N VAL B 134 25.84 1.43 13.62
CA VAL B 134 25.12 1.57 12.38
C VAL B 134 26.12 1.22 11.27
N ALA B 135 26.03 0.02 10.70
CA ALA B 135 26.96 -0.50 9.68
C ALA B 135 26.34 -0.57 8.28
N ASP B 136 27.02 -0.01 7.28
CA ASP B 136 26.55 -0.07 5.89
C ASP B 136 27.66 0.41 4.96
N SER B 137 27.52 0.14 3.66
CA SER B 137 28.36 0.74 2.60
C SER B 137 28.28 2.24 2.55
N PHE B 138 27.07 2.73 2.40
CA PHE B 138 26.80 4.10 2.01
C PHE B 138 27.39 4.39 0.62
N THR B 168 20.70 8.25 2.03
CA THR B 168 21.51 7.02 1.99
C THR B 168 23.03 7.27 1.92
N SER B 169 23.46 8.53 2.03
CA SER B 169 24.87 8.81 2.31
C SER B 169 25.02 8.93 3.82
N LEU B 170 26.24 8.79 4.31
CA LEU B 170 26.49 8.79 5.74
C LEU B 170 26.11 10.13 6.39
N ALA B 171 26.44 11.22 5.72
CA ALA B 171 26.03 12.56 6.13
C ALA B 171 24.52 12.65 6.31
N THR B 172 23.78 12.18 5.31
CA THR B 172 22.32 12.18 5.38
C THR B 172 21.81 11.46 6.63
N VAL B 173 22.37 10.28 6.91
CA VAL B 173 21.92 9.52 8.05
C VAL B 173 22.19 10.24 9.36
N GLN B 174 23.38 10.81 9.49
CA GLN B 174 23.71 11.62 10.66
C GLN B 174 22.76 12.80 10.83
N ARG B 175 22.48 13.51 9.74
CA ARG B 175 21.59 14.63 9.77
C ARG B 175 20.26 14.12 10.30
N ASN B 176 19.81 12.97 9.81
CA ASN B 176 18.53 12.44 10.25
C ASN B 176 18.45 12.12 11.74
N PHE B 177 19.46 11.45 12.28
CA PHE B 177 19.57 11.23 13.75
C PHE B 177 19.45 12.56 14.48
N SER B 178 20.20 13.51 13.97
CA SER B 178 20.27 14.85 14.52
C SER B 178 18.88 15.50 14.59
N ARG B 179 18.04 15.28 13.59
CA ARG B 179 16.71 15.89 13.58
C ARG B 179 15.85 15.46 14.78
N TYR B 180 16.08 14.26 15.31
CA TYR B 180 15.32 13.78 16.42
C TYR B 180 16.03 14.06 17.73
N GLY B 181 17.13 14.80 17.72
CA GLY B 181 17.91 14.99 18.95
C GLY B 181 18.60 13.72 19.47
N LEU B 182 18.90 12.82 18.57
CA LEU B 182 19.44 11.52 18.96
C LEU B 182 20.81 11.24 18.38
N LEU B 183 21.47 12.25 17.83
CA LEU B 183 22.85 12.05 17.37
C LEU B 183 23.83 12.38 18.50
N ASP B 184 24.50 11.37 19.03
CA ASP B 184 25.41 11.53 20.15
C ASP B 184 26.45 10.41 20.20
N ASP B 185 27.19 10.34 21.30
CA ASP B 185 28.33 9.44 21.43
C ASP B 185 27.92 7.97 21.55
N GLN B 186 26.63 7.72 21.80
CA GLN B 186 26.06 6.36 21.85
C GLN B 186 25.52 5.84 20.50
N VAL B 187 25.83 6.56 19.43
CA VAL B 187 25.57 6.13 18.09
C VAL B 187 26.92 6.14 17.38
N ARG B 188 27.35 5.01 16.82
CA ARG B 188 28.63 4.96 16.14
C ARG B 188 28.42 4.32 14.81
N PHE B 189 29.13 4.83 13.82
CA PHE B 189 28.92 4.40 12.45
C PHE B 189 30.08 3.55 11.93
N LEU B 190 29.78 2.57 11.09
CA LEU B 190 30.78 1.67 10.51
C LEU B 190 30.62 1.63 9.02
N PRO B 191 31.15 2.64 8.33
CA PRO B 191 31.08 2.66 6.85
C PRO B 191 32.03 1.67 6.20
N GLY B 192 31.55 1.00 5.17
CA GLY B 192 32.33 -0.04 4.51
C GLY B 192 31.61 -1.36 4.31
N TRP B 193 32.28 -2.27 3.62
CA TRP B 193 31.73 -3.59 3.34
C TRP B 193 31.90 -4.34 4.63
N PHE B 194 30.96 -5.25 4.89
CA PHE B 194 30.89 -5.96 6.18
C PHE B 194 32.08 -6.89 6.42
N LYS B 195 32.62 -7.49 5.36
CA LYS B 195 33.85 -8.31 5.50
C LYS B 195 35.03 -7.47 6.04
N ASP B 196 35.09 -6.18 5.68
CA ASP B 196 36.13 -5.26 6.17
C ASP B 196 35.82 -4.68 7.55
N THR B 197 34.57 -4.26 7.76
CA THR B 197 34.21 -3.51 8.97
C THR B 197 33.99 -4.37 10.22
N PRO B 199 35.13 -7.65 11.54
CA PRO B 199 36.11 -8.30 12.43
C PRO B 199 36.72 -7.37 13.46
N THR B 200 36.90 -6.10 13.09
CA THR B 200 37.59 -5.13 13.94
C THR B 200 36.69 -4.16 14.69
N ALA B 201 35.37 -4.30 14.59
CA ALA B 201 34.50 -3.32 15.19
C ALA B 201 34.63 -3.36 16.71
N PRO B 202 34.77 -2.19 17.35
CA PRO B 202 35.19 -2.18 18.76
C PRO B 202 34.20 -2.69 19.77
N PHE B 203 33.10 -3.30 19.35
CA PHE B 203 32.15 -3.77 20.35
C PHE B 203 32.56 -5.15 20.85
N GLU B 204 32.40 -5.37 22.13
CA GLU B 204 32.83 -6.60 22.71
C GLU B 204 31.65 -7.57 22.75
N ARG B 205 30.44 -7.04 22.97
CA ARG B 205 29.25 -7.88 23.03
C ARG B 205 28.05 -7.18 22.39
N LEU B 206 27.09 -7.99 21.96
CA LEU B 206 25.85 -7.49 21.41
C LEU B 206 24.67 -8.08 22.14
N ALA B 207 23.67 -7.23 22.37
CA ALA B 207 22.38 -7.69 22.88
C ALA B 207 21.32 -7.86 21.78
N VAL B 208 21.46 -7.10 20.72
CA VAL B 208 20.58 -7.24 19.59
C VAL B 208 21.43 -7.10 18.34
N LEU B 209 21.22 -8.01 17.38
CA LEU B 209 21.88 -7.96 16.11
C LEU B 209 20.80 -8.05 15.09
N ARG B 210 20.65 -6.99 14.31
CA ARG B 210 19.61 -6.94 13.30
C ARG B 210 20.20 -6.81 11.90
N ASP B 212 19.53 -6.38 7.83
CA ASP B 212 18.59 -5.98 6.81
C ASP B 212 19.30 -6.10 5.48
N GLY B 213 18.71 -6.78 4.51
CA GLY B 213 19.40 -7.03 3.24
C GLY B 213 19.12 -8.44 2.81
N ASP B 214 18.97 -8.63 1.50
CA ASP B 214 18.58 -9.94 0.99
C ASP B 214 19.72 -10.72 0.34
N SER B 215 20.94 -10.21 0.51
CA SER B 215 22.09 -10.82 -0.09
C SER B 215 22.66 -11.95 0.81
N TYR B 216 22.89 -13.09 0.19
CA TYR B 216 23.53 -14.19 0.85
C TYR B 216 24.83 -13.72 1.49
N GLY B 217 25.62 -12.96 0.72
CA GLY B 217 26.98 -12.60 1.12
C GLY B 217 27.04 -11.68 2.31
N ALA B 218 26.22 -10.64 2.27
CA ALA B 218 26.14 -9.73 3.39
C ALA B 218 25.66 -10.48 4.68
N THR B 219 24.60 -11.26 4.53
CA THR B 219 24.08 -12.06 5.60
C THR B 219 25.12 -12.99 6.22
N ASP B 221 28.48 -12.76 5.90
CA ASP B 221 29.58 -11.97 6.46
C ASP B 221 29.24 -11.51 7.91
N VAL B 222 28.01 -10.98 8.10
CA VAL B 222 27.63 -10.47 9.41
C VAL B 222 27.50 -11.60 10.43
N LEU B 223 26.85 -12.69 10.04
CA LEU B 223 26.78 -13.84 10.93
C LEU B 223 28.15 -14.35 11.33
N THR B 224 29.05 -14.43 10.36
CA THR B 224 30.35 -15.05 10.59
C THR B 224 31.17 -14.23 11.60
N HIS B 225 31.18 -12.90 11.42
CA HIS B 225 32.08 -12.03 12.16
C HIS B 225 31.42 -11.29 13.30
N ALA B 226 30.11 -11.38 13.45
CA ALA B 226 29.44 -10.67 14.55
C ALA B 226 28.61 -11.55 15.44
N TYR B 227 27.94 -12.57 14.89
CA TYR B 227 27.07 -13.37 15.72
C TYR B 227 27.82 -13.94 16.89
N PRO B 228 29.11 -14.23 16.71
CA PRO B 228 29.74 -14.82 17.89
C PRO B 228 29.82 -13.87 19.05
N ARG B 229 29.73 -12.56 18.82
CA ARG B 229 29.70 -11.60 19.93
C ARG B 229 28.31 -11.35 20.52
N LEU B 230 27.30 -12.04 20.01
CA LEU B 230 25.94 -11.89 20.53
C LEU B 230 25.77 -12.67 21.84
N SER B 231 25.51 -11.94 22.92
CA SER B 231 25.29 -12.55 24.22
C SER B 231 24.16 -13.60 24.22
N PRO B 232 24.25 -14.56 25.14
CA PRO B 232 23.11 -15.45 25.38
C PRO B 232 21.92 -14.62 25.85
N GLY B 233 20.73 -14.96 25.40
CA GLY B 233 19.58 -14.10 25.65
C GLY B 233 19.45 -12.96 24.64
N GLY B 234 20.46 -12.77 23.78
CA GLY B 234 20.40 -11.74 22.76
C GLY B 234 19.56 -12.17 21.59
N PHE B 235 19.26 -11.21 20.73
CA PHE B 235 18.36 -11.47 19.60
C PHE B 235 19.02 -11.29 18.27
N ALA B 236 18.70 -12.18 17.36
CA ALA B 236 19.16 -12.00 16.02
C ALA B 236 17.93 -11.86 15.19
N ILE B 237 17.85 -10.74 14.44
CA ILE B 237 16.69 -10.41 13.65
C ILE B 237 17.09 -10.37 12.18
N ILE B 238 16.30 -11.00 11.33
CA ILE B 238 16.65 -11.13 9.92
C ILE B 238 15.52 -10.49 9.17
N ASP B 239 15.76 -9.33 8.61
CA ASP B 239 14.68 -8.63 7.99
C ASP B 239 14.13 -9.30 6.73
N ASP B 240 15.01 -9.90 5.93
CA ASP B 240 14.58 -10.31 4.59
C ASP B 240 14.71 -11.81 4.40
N TYR B 241 14.34 -12.52 5.45
CA TYR B 241 14.39 -13.97 5.53
C TYR B 241 13.57 -14.70 4.50
N CYS B 242 12.46 -14.13 4.05
CA CYS B 242 11.67 -14.81 3.03
C CYS B 242 12.45 -14.93 1.72
N ILE B 243 13.46 -14.10 1.52
CA ILE B 243 14.26 -14.14 0.26
C ILE B 243 15.19 -15.35 0.31
N PRO B 244 15.07 -16.27 -0.68
CA PRO B 244 15.84 -17.53 -0.66
C PRO B 244 17.32 -17.38 -0.36
N ALA B 245 17.97 -16.36 -0.93
CA ALA B 245 19.41 -16.18 -0.73
C ALA B 245 19.76 -15.87 0.71
N CYS B 246 18.91 -15.06 1.31
CA CYS B 246 19.03 -14.73 2.70
C CYS B 246 18.79 -15.96 3.57
N ARG B 247 17.68 -16.64 3.32
CA ARG B 247 17.29 -17.88 4.03
C ARG B 247 18.36 -18.95 4.03
N GLU B 248 18.97 -19.14 2.85
CA GLU B 248 20.05 -20.10 2.66
C GLU B 248 21.28 -19.71 3.49
N ALA B 249 21.67 -18.42 3.48
CA ALA B 249 22.79 -17.98 4.31
C ALA B 249 22.52 -18.29 5.77
N VAL B 250 21.27 -18.06 6.19
CA VAL B 250 20.86 -18.28 7.58
C VAL B 250 20.89 -19.78 7.90
N HIS B 251 20.32 -20.64 7.05
CA HIS B 251 20.33 -22.08 7.38
C HIS B 251 21.71 -22.67 7.34
N GLU B 252 22.53 -22.20 6.43
CA GLU B 252 23.89 -22.72 6.35
C GLU B 252 24.70 -22.31 7.59
N TYR B 253 24.59 -21.05 7.99
CA TYR B 253 25.31 -20.60 9.15
C TYR B 253 24.87 -21.36 10.41
N ARG B 254 23.57 -21.56 10.58
CA ARG B 254 23.07 -22.26 11.77
C ARG B 254 23.50 -23.74 11.83
N ASP B 255 23.34 -24.43 10.70
CA ASP B 255 23.75 -25.85 10.59
C ASP B 255 25.26 -26.02 10.75
N ARG B 256 26.06 -25.14 10.15
CA ARG B 256 27.53 -25.13 10.35
C ARG B 256 27.86 -24.95 11.84
N HIS B 257 27.09 -24.17 12.61
CA HIS B 257 27.44 -23.95 14.03
C HIS B 257 26.52 -24.67 15.03
N GLY B 258 25.73 -25.62 14.56
CA GLY B 258 24.87 -26.39 15.46
C GLY B 258 23.77 -25.61 16.19
N ILE B 259 23.31 -24.53 15.58
CA ILE B 259 22.34 -23.65 16.23
C ILE B 259 20.92 -24.05 15.88
N SER B 260 20.11 -24.33 16.89
CA SER B 260 18.72 -24.73 16.64
C SER B 260 17.73 -23.92 17.45
N ASP B 261 18.14 -22.75 17.92
CA ASP B 261 17.21 -21.85 18.60
C ASP B 261 15.98 -21.53 17.74
N GLU B 262 14.78 -21.54 18.31
CA GLU B 262 13.58 -21.42 17.46
C GLU B 262 13.54 -20.14 16.64
N ILE B 263 13.28 -20.32 15.34
CA ILE B 263 13.09 -19.21 14.42
C ILE B 263 11.63 -18.80 14.51
N VAL B 264 11.42 -17.53 14.87
CA VAL B 264 10.10 -16.99 15.15
C VAL B 264 9.70 -16.01 14.07
N GLU B 265 8.51 -16.17 13.55
CA GLU B 265 8.05 -15.33 12.47
C GLU B 265 7.66 -13.93 13.00
N ILE B 266 8.03 -12.87 12.29
CA ILE B 266 7.64 -11.50 12.65
C ILE B 266 6.48 -11.04 11.77
N ASP B 267 6.61 -11.24 10.46
CA ASP B 267 5.56 -10.96 9.49
C ASP B 267 5.78 -11.79 8.25
N ARG B 268 5.35 -11.33 7.09
CA ARG B 268 5.54 -12.15 5.88
C ARG B 268 7.01 -12.36 5.52
N GLN B 269 7.88 -11.43 5.92
CA GLN B 269 9.26 -11.47 5.46
C GLN B 269 10.36 -11.65 6.50
N GLY B 270 10.16 -11.18 7.71
CA GLY B 270 11.24 -11.23 8.69
C GLY B 270 11.04 -12.23 9.80
N VAL B 271 12.15 -12.62 10.42
CA VAL B 271 12.10 -13.50 11.54
C VAL B 271 13.17 -13.11 12.52
N TYR B 272 13.11 -13.72 13.70
CA TYR B 272 14.21 -13.61 14.62
C TYR B 272 14.37 -14.87 15.48
N TRP B 273 15.47 -14.93 16.21
CA TRP B 273 15.67 -15.99 17.18
C TRP B 273 16.43 -15.43 18.36
N ARG B 274 16.22 -16.06 19.50
CA ARG B 274 16.85 -15.67 20.72
C ARG B 274 17.92 -16.71 21.06
N ARG B 275 19.14 -16.23 21.24
CA ARG B 275 20.28 -17.08 21.48
C ARG B 275 20.25 -17.70 22.90
N SER B 276 20.31 -19.03 22.96
CA SER B 276 20.40 -19.76 24.23
C SER B 276 21.86 -20.15 24.61
N ASN C 23 7.22 -4.96 -23.29
CA ASN C 23 7.35 -6.36 -22.71
C ASN C 23 7.85 -6.36 -21.23
N ALA C 24 8.98 -5.69 -20.98
CA ALA C 24 9.42 -5.37 -19.61
C ALA C 24 8.23 -4.71 -18.89
N SER C 25 7.56 -3.77 -19.57
CA SER C 25 6.20 -3.37 -19.17
C SER C 25 5.22 -3.46 -20.35
N PRO C 26 4.24 -4.40 -20.30
CA PRO C 26 3.23 -4.60 -21.38
C PRO C 26 2.48 -3.35 -21.78
N SER C 27 2.24 -3.16 -23.08
CA SER C 27 1.46 -2.01 -23.56
C SER C 27 0.57 -2.28 -24.81
N THR C 28 1.01 -3.16 -25.69
CA THR C 28 0.16 -3.67 -26.75
C THR C 28 -0.96 -4.52 -26.13
N GLY C 29 -2.04 -4.71 -26.88
CA GLY C 29 -3.12 -5.59 -26.48
C GLY C 29 -2.65 -6.99 -26.15
N VAL C 30 -1.81 -7.52 -27.03
CA VAL C 30 -1.23 -8.87 -26.85
C VAL C 30 -0.47 -8.98 -25.57
N GLU C 31 0.43 -8.06 -25.30
CA GLU C 31 1.26 -8.10 -24.07
C GLU C 31 0.37 -7.99 -22.81
N LEU C 32 -0.64 -7.11 -22.86
CA LEU C 32 -1.56 -6.98 -21.75
C LEU C 32 -2.35 -8.27 -21.54
N TYR C 33 -2.85 -8.86 -22.62
CA TYR C 33 -3.52 -10.16 -22.49
C TYR C 33 -2.64 -11.25 -21.86
N LEU C 34 -1.46 -11.42 -22.41
CA LEU C 34 -0.54 -12.48 -21.90
C LEU C 34 -0.04 -12.22 -20.50
N ASP C 35 0.25 -10.97 -20.16
CA ASP C 35 0.62 -10.63 -18.81
C ASP C 35 -0.53 -10.97 -17.83
N LEU C 36 -1.76 -10.64 -18.22
CA LEU C 36 -2.89 -10.85 -17.34
C LEU C 36 -3.18 -12.33 -17.20
N LEU C 37 -3.04 -13.04 -18.32
CA LEU C 37 -3.23 -14.46 -18.32
C LEU C 37 -2.22 -15.16 -17.38
N LYS C 38 -0.95 -14.74 -17.37
CA LYS C 38 0.03 -15.33 -16.41
C LYS C 38 -0.36 -15.04 -14.97
N ARG C 39 -0.77 -13.79 -14.73
CA ARG C 39 -1.20 -13.41 -13.40
C ARG C 39 -2.44 -14.18 -12.95
N THR C 40 -3.32 -14.47 -13.90
CA THR C 40 -4.56 -15.12 -13.60
C THR C 40 -4.41 -16.62 -13.37
N VAL C 41 -3.71 -17.25 -14.27
CA VAL C 41 -3.50 -18.70 -14.21
C VAL C 41 -2.75 -19.07 -12.92
N SER C 42 -1.91 -18.17 -12.45
CA SER C 42 -1.12 -18.40 -11.22
C SER C 42 -1.80 -17.80 -9.96
N ASN C 43 -3.04 -17.35 -10.10
CA ASN C 43 -3.84 -16.68 -9.07
C ASN C 43 -3.19 -15.55 -8.28
N PHE C 44 -2.35 -14.78 -8.95
CA PHE C 44 -1.70 -13.65 -8.34
C PHE C 44 -2.77 -12.58 -7.98
N ILE C 45 -3.87 -12.58 -8.73
CA ILE C 45 -4.90 -11.57 -8.55
C ILE C 45 -5.60 -11.65 -7.17
N TYR C 46 -5.96 -12.87 -6.77
CA TYR C 46 -6.77 -13.08 -5.59
C TYR C 46 -6.06 -13.86 -4.45
N GLN C 47 -4.73 -13.75 -4.32
CA GLN C 47 -3.98 -14.50 -3.31
C GLN C 47 -3.65 -13.57 -2.13
N VAL C 75 -5.87 -23.21 -4.61
CA VAL C 75 -6.86 -22.79 -5.62
C VAL C 75 -6.31 -22.65 -7.07
N ALA C 76 -5.11 -22.07 -7.19
CA ALA C 76 -4.48 -21.66 -8.47
C ALA C 76 -4.40 -22.77 -9.52
N HIS C 77 -4.56 -22.37 -10.78
CA HIS C 77 -4.56 -23.34 -11.89
C HIS C 77 -3.18 -23.94 -12.24
N THR C 78 -2.12 -23.21 -11.88
CA THR C 78 -0.77 -23.77 -11.89
C THR C 78 0.04 -23.05 -10.81
N ILE C 80 3.48 -23.14 -10.95
CA ILE C 80 4.84 -23.32 -11.43
C ILE C 80 5.65 -22.05 -11.39
N GLY C 81 4.98 -20.92 -11.26
CA GLY C 81 5.74 -19.64 -11.12
C GLY C 81 6.06 -18.87 -12.40
N LYS C 83 8.92 -17.47 -13.68
CA LYS C 83 10.05 -17.91 -14.50
C LYS C 83 9.72 -19.05 -15.39
N ARG C 84 8.96 -20.00 -14.90
CA ARG C 84 8.59 -21.13 -15.75
C ARG C 84 7.49 -20.76 -16.76
N LEU C 85 6.52 -19.96 -16.36
CA LEU C 85 5.55 -19.48 -17.31
C LEU C 85 6.20 -18.67 -18.38
N ASN C 86 7.13 -17.80 -17.99
CA ASN C 86 7.86 -16.96 -18.96
C ASN C 86 8.67 -17.79 -19.94
N ASN C 87 9.28 -18.86 -19.44
CA ASN C 87 10.02 -19.74 -20.32
C ASN C 87 9.10 -20.39 -21.32
N LEU C 88 7.94 -20.83 -20.85
CA LEU C 88 7.00 -21.48 -21.72
C LEU C 88 6.59 -20.50 -22.81
N GLN C 89 6.38 -19.25 -22.43
CA GLN C 89 5.98 -18.23 -23.39
C GLN C 89 7.11 -18.01 -24.42
N HIS C 90 8.34 -17.92 -23.91
CA HIS C 90 9.50 -17.72 -24.76
C HIS C 90 9.61 -18.88 -25.80
N CYS C 91 9.33 -20.11 -25.37
CA CYS C 91 9.49 -21.26 -26.25
C CYS C 91 8.40 -21.26 -27.30
N VAL C 92 7.14 -21.05 -26.91
CA VAL C 92 6.08 -21.02 -27.92
C VAL C 92 6.29 -19.84 -28.90
N GLU C 93 6.65 -18.66 -28.37
CA GLU C 93 6.86 -17.48 -29.22
C GLU C 93 8.06 -17.70 -30.20
N SER C 94 9.16 -18.28 -29.71
CA SER C 94 10.25 -18.58 -30.57
C SER C 94 9.87 -19.56 -31.69
N ALA C 95 9.08 -20.57 -31.40
CA ALA C 95 8.64 -21.52 -32.40
C ALA C 95 7.78 -20.85 -33.43
N LEU C 96 6.80 -20.11 -32.97
CA LEU C 96 5.99 -19.39 -33.88
C LEU C 96 6.89 -18.52 -34.77
N ARG C 97 7.77 -17.74 -34.16
CA ARG C 97 8.53 -16.74 -34.87
C ARG C 97 9.50 -17.36 -35.86
N ASP C 98 10.16 -18.43 -35.46
CA ASP C 98 11.11 -19.10 -36.33
C ASP C 98 10.51 -20.16 -37.23
N GLY C 99 9.20 -20.21 -37.36
CA GLY C 99 8.54 -21.16 -38.25
C GLY C 99 8.84 -22.61 -37.97
N VAL C 100 8.94 -22.95 -36.68
CA VAL C 100 9.07 -24.34 -36.27
C VAL C 100 7.69 -24.98 -36.27
N PRO C 101 7.52 -25.97 -37.11
CA PRO C 101 6.18 -26.53 -37.17
C PRO C 101 5.85 -27.45 -35.99
N GLY C 102 4.56 -27.52 -35.67
CA GLY C 102 4.02 -28.52 -34.78
C GLY C 102 3.14 -28.01 -33.67
N ASP C 103 2.57 -28.96 -32.98
CA ASP C 103 1.71 -28.69 -31.86
C ASP C 103 2.51 -28.54 -30.56
N VAL C 104 1.78 -28.23 -29.51
CA VAL C 104 2.31 -28.07 -28.20
C VAL C 104 1.79 -29.21 -27.40
N LEU C 105 2.65 -29.91 -26.71
CA LEU C 105 2.22 -31.07 -25.94
C LEU C 105 2.73 -30.90 -24.53
N GLU C 106 1.81 -30.99 -23.60
CA GLU C 106 2.08 -30.95 -22.22
C GLU C 106 1.77 -32.31 -21.56
N THR C 107 2.73 -32.94 -20.91
CA THR C 107 2.45 -34.18 -20.17
C THR C 107 2.61 -33.99 -18.70
N GLY C 108 1.57 -34.29 -17.93
CA GLY C 108 1.63 -34.05 -16.46
C GLY C 108 0.85 -32.77 -16.18
N VAL C 109 -0.26 -32.88 -15.51
CA VAL C 109 -1.15 -31.72 -15.37
C VAL C 109 -1.85 -31.74 -14.02
N TRP C 110 -1.82 -30.56 -13.41
CA TRP C 110 -2.38 -30.26 -12.11
C TRP C 110 -3.84 -29.87 -12.40
N ARG C 111 -4.11 -28.58 -12.40
CA ARG C 111 -5.42 -28.06 -12.70
C ARG C 111 -5.47 -27.38 -14.08
N GLY C 112 -4.35 -27.32 -14.78
CA GLY C 112 -4.36 -27.02 -16.18
C GLY C 112 -3.84 -25.66 -16.56
N GLY C 113 -3.31 -24.91 -15.60
CA GLY C 113 -2.84 -23.53 -15.82
C GLY C 113 -1.75 -23.32 -16.88
N ALA C 114 -0.79 -24.22 -16.91
CA ALA C 114 0.25 -24.09 -17.91
C ALA C 114 -0.26 -24.37 -19.31
N CYS C 115 -1.20 -25.29 -19.44
CA CYS C 115 -1.82 -25.58 -20.75
C CYS C 115 -2.77 -24.53 -21.21
N ILE C 116 -3.50 -23.99 -20.25
CA ILE C 116 -4.36 -22.89 -20.54
C ILE C 116 -3.51 -21.76 -21.07
N PHE C 117 -2.39 -21.47 -20.37
CA PHE C 117 -1.52 -20.41 -20.81
C PHE C 117 -1.05 -20.65 -22.25
N ALA C 118 -0.66 -21.88 -22.55
CA ALA C 118 -0.21 -22.19 -23.89
C ALA C 118 -1.31 -21.92 -24.92
N ARG C 119 -2.55 -22.31 -24.65
CA ARG C 119 -3.62 -22.10 -25.65
C ARG C 119 -3.77 -20.61 -25.81
N GLY C 120 -3.65 -19.90 -24.70
CA GLY C 120 -3.77 -18.48 -24.72
C GLY C 120 -2.73 -17.76 -25.57
N ILE C 121 -1.49 -18.23 -25.50
CA ILE C 121 -0.47 -17.65 -26.32
C ILE C 121 -0.85 -17.81 -27.78
N LEU C 122 -1.29 -19.00 -28.18
CA LEU C 122 -1.63 -19.22 -29.57
C LEU C 122 -2.78 -18.29 -29.95
N LYS C 123 -3.73 -18.18 -29.05
CA LYS C 123 -4.91 -17.32 -29.26
C LYS C 123 -4.55 -15.84 -29.46
N ALA C 124 -3.60 -15.38 -28.68
CA ALA C 124 -3.14 -14.03 -28.73
C ALA C 124 -2.59 -13.66 -30.06
N TYR C 125 -1.91 -14.58 -30.71
CA TYR C 125 -1.38 -14.37 -32.08
C TYR C 125 -2.25 -14.97 -33.13
N ASP C 126 -3.47 -15.32 -32.74
CA ASP C 126 -4.44 -15.79 -33.68
C ASP C 126 -3.86 -16.91 -34.57
N VAL C 127 -3.32 -17.91 -33.91
CA VAL C 127 -2.82 -19.09 -34.56
C VAL C 127 -3.95 -20.11 -34.56
N ARG C 128 -4.34 -20.56 -35.74
CA ARG C 128 -5.51 -21.43 -35.89
C ARG C 128 -5.17 -22.86 -36.24
N ASP C 129 -3.90 -23.13 -36.52
CA ASP C 129 -3.43 -24.39 -37.12
C ASP C 129 -2.47 -25.18 -36.18
N ARG C 130 -2.51 -24.88 -34.90
CA ARG C 130 -1.77 -25.66 -33.94
C ARG C 130 -2.66 -26.00 -32.76
N THR C 131 -2.34 -27.11 -32.14
CA THR C 131 -3.13 -27.63 -31.06
C THR C 131 -2.32 -27.79 -29.76
N VAL C 132 -3.01 -27.65 -28.65
CA VAL C 132 -2.43 -27.90 -27.36
C VAL C 132 -2.98 -29.24 -26.90
N TRP C 133 -2.08 -30.22 -26.82
CA TRP C 133 -2.42 -31.55 -26.31
C TRP C 133 -2.18 -31.62 -24.79
N VAL C 134 -3.14 -32.13 -24.04
CA VAL C 134 -3.08 -32.10 -22.62
C VAL C 134 -3.14 -33.54 -22.17
N ALA C 135 -2.01 -34.15 -21.83
CA ALA C 135 -1.90 -35.54 -21.48
C ALA C 135 -1.66 -35.79 -19.99
N ASP C 136 -2.42 -36.68 -19.36
CA ASP C 136 -2.25 -37.01 -17.93
C ASP C 136 -3.09 -38.23 -17.61
N SER C 137 -2.83 -38.86 -16.47
CA SER C 137 -3.74 -39.88 -15.89
C SER C 137 -5.13 -39.36 -15.57
N PHE C 138 -5.16 -38.30 -14.79
CA PHE C 138 -6.38 -37.84 -14.10
C PHE C 138 -6.81 -38.81 -12.95
N GLN C 139 -5.89 -39.68 -12.55
CA GLN C 139 -6.12 -40.79 -11.60
C GLN C 139 -5.01 -40.72 -10.56
N THR C 168 -8.11 -31.58 -10.55
CA THR C 168 -7.30 -32.68 -11.07
C THR C 168 -8.08 -33.86 -11.69
N SER C 169 -9.40 -33.74 -11.85
CA SER C 169 -10.14 -34.66 -12.74
C SER C 169 -10.23 -33.99 -14.11
N LEU C 170 -10.49 -34.78 -15.13
CA LEU C 170 -10.52 -34.24 -16.46
C LEU C 170 -11.62 -33.16 -16.65
N ALA C 171 -12.79 -33.42 -16.11
CA ALA C 171 -13.90 -32.49 -16.13
C ALA C 171 -13.46 -31.16 -15.54
N THR C 172 -12.79 -31.20 -14.39
CA THR C 172 -12.31 -29.97 -13.75
C THR C 172 -11.42 -29.20 -14.69
N VAL C 173 -10.51 -29.89 -15.37
CA VAL C 173 -9.57 -29.20 -16.23
C VAL C 173 -10.27 -28.54 -17.42
N GLN C 174 -11.19 -29.26 -18.03
CA GLN C 174 -12.04 -28.67 -19.09
C GLN C 174 -12.85 -27.46 -18.62
N ARG C 175 -13.44 -27.59 -17.45
CA ARG C 175 -14.19 -26.47 -16.87
C ARG C 175 -13.22 -25.28 -16.77
N ASN C 176 -12.00 -25.51 -16.27
CA ASN C 176 -11.08 -24.41 -16.10
C ASN C 176 -10.74 -23.69 -17.40
N PHE C 177 -10.44 -24.44 -18.46
CA PHE C 177 -10.17 -23.88 -19.80
C PHE C 177 -11.34 -22.97 -20.17
N SER C 178 -12.51 -23.54 -19.94
CA SER C 178 -13.76 -22.92 -20.29
C SER C 178 -13.88 -21.58 -19.62
N ARG C 179 -13.42 -21.47 -18.37
CA ARG C 179 -13.57 -20.23 -17.61
C ARG C 179 -12.83 -19.09 -18.30
N TYR C 180 -11.78 -19.41 -19.07
CA TYR C 180 -10.98 -18.37 -19.75
C TYR C 180 -11.44 -18.19 -21.18
N GLY C 181 -12.53 -18.82 -21.59
CA GLY C 181 -12.92 -18.77 -23.01
C GLY C 181 -11.90 -19.45 -23.96
N LEU C 182 -11.21 -20.44 -23.45
CA LEU C 182 -10.17 -21.06 -24.22
C LEU C 182 -10.40 -22.55 -24.37
N LEU C 183 -11.59 -23.06 -24.06
CA LEU C 183 -11.93 -24.46 -24.37
C LEU C 183 -12.55 -24.60 -25.75
N ASP C 184 -11.80 -25.15 -26.69
CA ASP C 184 -12.20 -25.21 -28.08
C ASP C 184 -11.48 -26.35 -28.78
N ASP C 185 -11.61 -26.40 -30.08
CA ASP C 185 -11.16 -27.57 -30.86
C ASP C 185 -9.62 -27.65 -30.96
N GLN C 186 -8.92 -26.57 -30.61
CA GLN C 186 -7.49 -26.51 -30.59
C GLN C 186 -6.89 -26.89 -29.24
N VAL C 187 -7.72 -27.45 -28.36
CA VAL C 187 -7.26 -28.07 -27.13
C VAL C 187 -7.75 -29.50 -27.13
N ARG C 188 -6.88 -30.48 -26.99
CA ARG C 188 -7.30 -31.89 -27.04
C ARG C 188 -6.66 -32.65 -25.93
N PHE C 189 -7.41 -33.57 -25.34
CA PHE C 189 -7.03 -34.20 -24.08
C PHE C 189 -6.65 -35.62 -24.33
N LEU C 190 -5.66 -36.12 -23.58
CA LEU C 190 -5.18 -37.49 -23.71
C LEU C 190 -5.13 -38.08 -22.32
N PRO C 191 -6.26 -38.46 -21.81
CA PRO C 191 -6.25 -39.22 -20.58
C PRO C 191 -5.67 -40.61 -20.67
N GLY C 192 -4.92 -41.00 -19.65
CA GLY C 192 -4.29 -42.33 -19.58
C GLY C 192 -2.82 -42.30 -19.21
N TRP C 193 -2.27 -43.50 -19.08
CA TRP C 193 -0.86 -43.64 -18.81
C TRP C 193 -0.15 -43.32 -20.11
N PHE C 194 1.05 -42.74 -20.01
CA PHE C 194 1.75 -42.24 -21.19
C PHE C 194 2.22 -43.37 -22.14
N LYS C 195 2.55 -44.54 -21.59
CA LYS C 195 2.91 -45.67 -22.46
C LYS C 195 1.75 -46.06 -23.38
N ASP C 196 0.53 -45.89 -22.91
CA ASP C 196 -0.69 -46.14 -23.70
C ASP C 196 -1.08 -45.00 -24.63
N THR C 197 -1.04 -43.78 -24.13
CA THR C 197 -1.58 -42.66 -24.88
C THR C 197 -0.66 -42.12 -25.96
N PRO C 199 2.08 -43.40 -28.15
CA PRO C 199 2.36 -43.91 -29.51
C PRO C 199 1.30 -43.52 -30.57
N THR C 200 0.05 -43.44 -30.16
CA THR C 200 -1.04 -43.28 -31.09
C THR C 200 -1.60 -41.90 -31.14
N ALA C 201 -1.02 -40.95 -30.42
CA ALA C 201 -1.66 -39.65 -30.37
C ALA C 201 -1.61 -39.02 -31.74
N PRO C 202 -2.73 -38.48 -32.21
CA PRO C 202 -2.81 -38.03 -33.61
C PRO C 202 -1.97 -36.86 -34.03
N PHE C 203 -1.05 -36.36 -33.20
CA PHE C 203 -0.18 -35.25 -33.69
C PHE C 203 0.99 -35.77 -34.54
N GLU C 204 1.29 -35.10 -35.62
CA GLU C 204 2.35 -35.54 -36.47
C GLU C 204 3.65 -34.92 -35.97
N ARG C 205 3.60 -33.68 -35.50
CA ARG C 205 4.79 -32.98 -35.12
C ARG C 205 4.55 -32.11 -33.89
N LEU C 206 5.62 -31.82 -33.18
CA LEU C 206 5.58 -30.96 -32.03
C LEU C 206 6.59 -29.81 -32.18
N ALA C 207 6.16 -28.63 -31.77
CA ALA C 207 7.06 -27.48 -31.63
C ALA C 207 7.54 -27.27 -30.19
N VAL C 208 6.74 -27.73 -29.24
CA VAL C 208 7.08 -27.62 -27.84
C VAL C 208 6.59 -28.85 -27.18
N LEU C 209 7.45 -29.43 -26.38
CA LEU C 209 7.10 -30.61 -25.62
C LEU C 209 7.51 -30.31 -24.19
N ARG C 210 6.55 -30.26 -23.28
CA ARG C 210 6.83 -29.91 -21.91
C ARG C 210 6.44 -31.02 -20.97
N ASP C 212 6.09 -32.42 -17.13
CA ASP C 212 6.00 -32.05 -15.70
C ASP C 212 5.84 -33.31 -14.91
N GLY C 213 6.63 -33.57 -13.90
CA GLY C 213 6.58 -34.85 -13.19
C GLY C 213 7.99 -35.35 -12.89
N ASP C 214 8.20 -35.98 -11.76
CA ASP C 214 9.53 -36.29 -11.32
C ASP C 214 9.83 -37.76 -11.42
N SER C 215 8.95 -38.48 -12.07
CA SER C 215 9.12 -39.92 -12.19
C SER C 215 10.00 -40.27 -13.41
N TYR C 216 10.93 -41.17 -13.18
CA TYR C 216 11.78 -41.68 -14.21
C TYR C 216 10.94 -42.26 -15.37
N GLY C 217 9.94 -43.03 -14.99
CA GLY C 217 9.14 -43.80 -15.97
C GLY C 217 8.34 -42.92 -16.88
N ALA C 218 7.66 -41.94 -16.29
CA ALA C 218 6.83 -41.05 -17.06
C ALA C 218 7.71 -40.26 -18.04
N THR C 219 8.82 -39.74 -17.51
CA THR C 219 9.78 -38.99 -18.29
C THR C 219 10.30 -39.83 -19.49
N ASP C 221 8.95 -42.59 -20.82
CA ASP C 221 7.85 -42.91 -21.74
C ASP C 221 7.58 -41.78 -22.73
N VAL C 222 7.48 -40.55 -22.22
CA VAL C 222 7.19 -39.39 -23.06
C VAL C 222 8.35 -39.11 -24.03
N LEU C 223 9.58 -39.15 -23.54
CA LEU C 223 10.70 -39.02 -24.43
C LEU C 223 10.72 -40.08 -25.56
N THR C 224 10.42 -41.32 -25.21
CA THR C 224 10.60 -42.43 -26.11
C THR C 224 9.60 -42.30 -27.24
N HIS C 225 8.37 -41.99 -26.88
CA HIS C 225 7.25 -42.01 -27.85
C HIS C 225 6.80 -40.64 -28.39
N ALA C 226 7.36 -39.55 -27.88
CA ALA C 226 6.99 -38.23 -28.38
C ALA C 226 8.12 -37.40 -28.83
N TYR C 227 9.28 -37.50 -28.19
CA TYR C 227 10.38 -36.66 -28.62
C TYR C 227 10.70 -36.84 -30.11
N PRO C 228 10.50 -38.05 -30.66
CA PRO C 228 10.91 -38.15 -32.08
C PRO C 228 10.02 -37.33 -32.95
N ARG C 229 8.84 -36.93 -32.47
CA ARG C 229 8.01 -36.02 -33.24
C ARG C 229 8.31 -34.55 -33.05
N LEU C 230 9.31 -34.23 -32.22
CA LEU C 230 9.63 -32.84 -31.96
C LEU C 230 10.48 -32.23 -33.06
N SER C 231 9.94 -31.22 -33.75
CA SER C 231 10.65 -30.63 -34.89
C SER C 231 12.00 -30.05 -34.50
N PRO C 232 12.93 -30.02 -35.45
CA PRO C 232 14.15 -29.24 -35.23
C PRO C 232 13.82 -27.78 -34.96
N GLY C 233 14.55 -27.17 -34.04
CA GLY C 233 14.14 -25.89 -33.55
C GLY C 233 13.09 -25.96 -32.44
N GLY C 234 12.51 -27.12 -32.17
CA GLY C 234 11.52 -27.22 -31.14
C GLY C 234 12.16 -27.32 -29.76
N PHE C 235 11.33 -27.22 -28.74
CA PHE C 235 11.80 -27.14 -27.35
C PHE C 235 11.33 -28.32 -26.51
N ALA C 236 12.21 -28.84 -25.72
CA ALA C 236 11.84 -29.81 -24.77
C ALA C 236 12.11 -29.25 -23.39
N ILE C 237 11.08 -29.17 -22.58
CA ILE C 237 11.11 -28.51 -21.29
C ILE C 237 10.88 -29.54 -20.23
N ILE C 238 11.73 -29.54 -19.21
CA ILE C 238 11.63 -30.54 -18.20
C ILE C 238 11.38 -29.77 -16.91
N ASP C 239 10.20 -29.87 -16.36
CA ASP C 239 9.88 -29.12 -15.19
C ASP C 239 10.58 -29.57 -13.93
N ASP C 240 10.79 -30.85 -13.75
CA ASP C 240 11.31 -31.33 -12.46
C ASP C 240 12.69 -32.01 -12.56
N TYR C 241 13.52 -31.42 -13.41
CA TYR C 241 14.87 -31.90 -13.71
C TYR C 241 15.77 -32.01 -12.50
N CYS C 242 15.57 -31.18 -11.47
CA CYS C 242 16.44 -31.27 -10.30
C CYS C 242 16.24 -32.59 -9.56
N ILE C 243 15.14 -33.28 -9.79
CA ILE C 243 14.91 -34.52 -9.15
C ILE C 243 15.73 -35.63 -9.85
N PRO C 244 16.57 -36.35 -9.09
CA PRO C 244 17.52 -37.30 -9.68
C PRO C 244 16.91 -38.31 -10.63
N ALA C 245 15.74 -38.83 -10.29
CA ALA C 245 15.13 -39.79 -11.16
C ALA C 245 14.80 -39.19 -12.53
N CYS C 246 14.32 -37.95 -12.49
CA CYS C 246 13.94 -37.26 -13.66
C CYS C 246 15.19 -37.03 -14.48
N ARG C 247 16.20 -36.47 -13.81
CA ARG C 247 17.49 -36.19 -14.44
C ARG C 247 18.07 -37.38 -15.15
N GLU C 248 18.00 -38.51 -14.47
CA GLU C 248 18.56 -39.73 -15.01
C GLU C 248 17.82 -40.17 -16.26
N ALA C 249 16.49 -40.07 -16.25
CA ALA C 249 15.71 -40.42 -17.43
C ALA C 249 16.12 -39.56 -18.58
N VAL C 250 16.36 -38.28 -18.29
CA VAL C 250 16.76 -37.34 -19.31
C VAL C 250 18.16 -37.64 -19.81
N HIS C 251 19.11 -37.90 -18.95
CA HIS C 251 20.45 -38.24 -19.51
C HIS C 251 20.50 -39.57 -20.24
N GLU C 252 19.76 -40.54 -19.76
CA GLU C 252 19.83 -41.84 -20.40
C GLU C 252 19.23 -41.72 -21.79
N TYR C 253 18.09 -41.02 -21.91
CA TYR C 253 17.47 -40.89 -23.19
C TYR C 253 18.39 -40.17 -24.14
N ARG C 254 19.02 -39.08 -23.68
CA ARG C 254 19.88 -38.31 -24.56
C ARG C 254 21.10 -39.13 -25.01
N ASP C 255 21.72 -39.81 -24.06
CA ASP C 255 22.95 -40.58 -24.36
C ASP C 255 22.65 -41.76 -25.30
N ARG C 256 21.51 -42.44 -25.12
CA ARG C 256 21.12 -43.51 -26.07
C ARG C 256 20.97 -42.93 -27.45
N HIS C 257 20.48 -41.69 -27.58
CA HIS C 257 20.15 -41.18 -28.92
C HIS C 257 21.16 -40.18 -29.44
N GLY C 258 22.31 -40.09 -28.77
CA GLY C 258 23.34 -39.20 -29.24
C GLY C 258 22.98 -37.73 -29.23
N ILE C 259 22.10 -37.33 -28.31
CA ILE C 259 21.65 -35.95 -28.23
C ILE C 259 22.51 -35.14 -27.29
N SER C 260 23.11 -34.08 -27.80
CA SER C 260 23.94 -33.23 -26.94
C SER C 260 23.56 -31.78 -27.02
N ASP C 261 22.34 -31.48 -27.44
CA ASP C 261 21.90 -30.13 -27.44
C ASP C 261 21.96 -29.47 -26.05
N GLU C 262 22.36 -28.22 -25.95
CA GLU C 262 22.61 -27.65 -24.64
C GLU C 262 21.38 -27.64 -23.71
N ILE C 263 21.59 -28.10 -22.48
CA ILE C 263 20.64 -28.01 -21.43
C ILE C 263 20.76 -26.66 -20.73
N VAL C 264 19.68 -25.89 -20.76
CA VAL C 264 19.66 -24.53 -20.33
C VAL C 264 18.79 -24.42 -19.08
N GLU C 265 19.31 -23.75 -18.09
CA GLU C 265 18.61 -23.65 -16.83
C GLU C 265 17.43 -22.66 -16.97
N ILE C 266 16.30 -22.99 -16.38
CA ILE C 266 15.20 -22.03 -16.30
C ILE C 266 15.17 -21.43 -14.91
N ASP C 267 15.22 -22.29 -13.87
CA ASP C 267 15.26 -21.86 -12.45
C ASP C 267 15.86 -22.97 -11.59
N ARG C 268 15.53 -23.06 -10.32
CA ARG C 268 16.20 -24.01 -9.47
C ARG C 268 15.78 -25.44 -9.77
N GLN C 269 14.69 -25.62 -10.48
CA GLN C 269 14.26 -26.99 -10.76
C GLN C 269 14.11 -27.41 -12.24
N GLY C 270 13.82 -26.47 -13.13
CA GLY C 270 13.56 -26.87 -14.49
C GLY C 270 14.64 -26.53 -15.47
N VAL C 271 14.64 -27.23 -16.59
CA VAL C 271 15.50 -26.86 -17.72
C VAL C 271 14.83 -27.11 -19.02
N TYR C 272 15.47 -26.70 -20.08
CA TYR C 272 15.04 -27.07 -21.38
C TYR C 272 16.19 -27.21 -22.35
N TRP C 273 15.91 -27.71 -23.54
CA TRP C 273 16.84 -27.70 -24.63
C TRP C 273 16.12 -27.53 -25.89
N ARG C 274 16.83 -26.97 -26.85
CA ARG C 274 16.30 -26.74 -28.15
C ARG C 274 16.91 -27.78 -29.09
N ARG C 275 16.06 -28.50 -29.77
CA ARG C 275 16.48 -29.53 -30.71
C ARG C 275 17.13 -28.98 -31.97
N SER C 276 18.35 -29.43 -32.24
CA SER C 276 19.03 -29.05 -33.46
C SER C 276 18.73 -29.98 -34.63
N ALA C 277 19.01 -29.50 -35.83
CA ALA C 277 18.60 -30.09 -37.09
C ALA C 277 19.01 -31.54 -37.17
N CYS C 278 18.31 -32.33 -38.00
CA CYS C 278 18.70 -33.75 -38.34
C CYS C 278 20.01 -33.92 -39.27
N ASN C 279 20.24 -35.16 -39.76
CA ASN C 279 21.09 -35.49 -40.98
C ASN C 279 20.35 -36.23 -42.17
N ILE C 280 19.03 -35.99 -42.22
CA ILE C 280 18.11 -36.36 -43.31
C ILE C 280 18.44 -35.38 -44.45
N SER D 25 -17.29 -12.67 -30.27
CA SER D 25 -16.11 -13.52 -29.85
C SER D 25 -14.72 -12.87 -30.07
N PRO D 26 -14.03 -12.50 -28.98
CA PRO D 26 -12.73 -11.81 -29.02
C PRO D 26 -11.64 -12.52 -29.81
N SER D 27 -10.84 -11.75 -30.56
CA SER D 27 -9.72 -12.35 -31.31
C SER D 27 -8.45 -11.45 -31.41
N THR D 28 -8.65 -10.16 -31.46
CA THR D 28 -7.59 -9.18 -31.34
C THR D 28 -7.02 -9.29 -29.94
N GLY D 29 -5.78 -8.85 -29.79
CA GLY D 29 -5.16 -8.73 -28.49
C GLY D 29 -6.01 -7.90 -27.52
N VAL D 30 -6.45 -6.74 -28.01
CA VAL D 30 -7.25 -5.85 -27.23
C VAL D 30 -8.51 -6.52 -26.74
N GLU D 31 -9.29 -7.14 -27.64
CA GLU D 31 -10.51 -7.85 -27.25
C GLU D 31 -10.21 -8.98 -26.22
N LEU D 32 -9.13 -9.72 -26.43
CA LEU D 32 -8.79 -10.79 -25.52
C LEU D 32 -8.43 -10.24 -24.11
N TYR D 33 -7.60 -9.21 -24.08
CA TYR D 33 -7.28 -8.56 -22.82
C TYR D 33 -8.56 -8.13 -22.07
N LEU D 34 -9.40 -7.42 -22.78
CA LEU D 34 -10.59 -6.88 -22.16
C LEU D 34 -11.56 -7.98 -21.77
N ASP D 35 -11.71 -9.00 -22.58
CA ASP D 35 -12.57 -10.07 -22.19
C ASP D 35 -12.04 -10.71 -20.91
N LEU D 36 -10.73 -10.91 -20.85
CA LEU D 36 -10.16 -11.62 -19.69
C LEU D 36 -10.29 -10.74 -18.45
N LEU D 37 -10.10 -9.44 -18.66
CA LEU D 37 -10.20 -8.49 -17.56
C LEU D 37 -11.61 -8.47 -16.98
N LYS D 38 -12.64 -8.57 -17.82
CA LYS D 38 -13.99 -8.73 -17.32
C LYS D 38 -14.15 -10.00 -16.54
N ARG D 39 -13.64 -11.10 -17.08
CA ARG D 39 -13.78 -12.37 -16.39
C ARG D 39 -13.08 -12.35 -15.06
N THR D 40 -11.99 -11.62 -15.02
CA THR D 40 -11.13 -11.61 -13.86
C THR D 40 -11.67 -10.74 -12.75
N VAL D 41 -12.06 -9.56 -13.13
CA VAL D 41 -12.57 -8.60 -12.21
C VAL D 41 -13.87 -9.11 -11.56
N SER D 42 -14.62 -9.94 -12.29
CA SER D 42 -15.88 -10.52 -11.74
C SER D 42 -15.66 -11.87 -11.07
N ASN D 43 -14.41 -12.28 -10.94
CA ASN D 43 -14.03 -13.62 -10.53
C ASN D 43 -14.71 -14.82 -11.15
N PHE D 44 -15.01 -14.73 -12.41
CA PHE D 44 -15.60 -15.84 -13.16
C PHE D 44 -14.58 -17.01 -13.24
N ILE D 45 -13.29 -16.68 -13.19
CA ILE D 45 -12.25 -17.67 -13.33
C ILE D 45 -12.30 -18.71 -12.19
N TYR D 46 -12.37 -18.22 -10.97
CA TYR D 46 -12.19 -19.04 -9.78
C TYR D 46 -13.45 -19.21 -8.90
N GLN D 47 -14.65 -19.22 -9.48
CA GLN D 47 -15.84 -19.45 -8.67
C GLN D 47 -16.25 -20.94 -8.60
N ASP D 48 -17.00 -21.31 -7.56
CA ASP D 48 -17.47 -22.70 -7.27
C ASP D 48 -18.74 -23.21 -7.99
N ALA D 49 -19.91 -22.82 -7.41
CA ALA D 49 -21.19 -23.59 -7.39
C ALA D 49 -21.86 -23.71 -8.75
N VAL D 75 -15.39 -12.73 -2.66
CA VAL D 75 -13.99 -12.43 -3.02
C VAL D 75 -13.88 -11.39 -4.17
N ALA D 76 -14.80 -11.50 -5.15
CA ALA D 76 -14.75 -10.78 -6.43
C ALA D 76 -14.62 -9.27 -6.31
N HIS D 77 -13.90 -8.67 -7.23
CA HIS D 77 -13.67 -7.22 -7.18
C HIS D 77 -14.86 -6.35 -7.61
N THR D 78 -15.76 -6.92 -8.38
CA THR D 78 -17.10 -6.31 -8.61
C THR D 78 -18.11 -7.47 -8.83
N ILE D 80 -21.09 -6.81 -10.38
CA ILE D 80 -22.12 -6.19 -11.21
C ILE D 80 -22.52 -6.98 -12.45
N GLY D 81 -21.69 -7.94 -12.87
CA GLY D 81 -22.12 -8.81 -13.95
C GLY D 81 -21.70 -8.37 -15.34
N LYS D 83 -23.34 -8.07 -18.32
CA LYS D 83 -24.09 -7.06 -19.04
C LYS D 83 -23.67 -5.68 -18.64
N ARG D 84 -23.45 -5.48 -17.35
CA ARG D 84 -23.09 -4.14 -16.89
C ARG D 84 -21.63 -3.81 -17.19
N LEU D 85 -20.74 -4.78 -17.08
CA LEU D 85 -19.35 -4.57 -17.50
C LEU D 85 -19.28 -4.27 -18.99
N ASN D 86 -20.08 -5.00 -19.77
CA ASN D 86 -20.17 -4.75 -21.22
C ASN D 86 -20.65 -3.37 -21.58
N ASN D 87 -21.65 -2.91 -20.83
CA ASN D 87 -22.19 -1.61 -21.10
C ASN D 87 -21.14 -0.55 -20.81
N LEU D 88 -20.42 -0.72 -19.71
CA LEU D 88 -19.37 0.21 -19.35
C LEU D 88 -18.32 0.26 -20.44
N GLN D 89 -17.98 -0.90 -20.98
CA GLN D 89 -17.00 -0.96 -22.04
C GLN D 89 -17.53 -0.24 -23.29
N HIS D 90 -18.77 -0.52 -23.66
CA HIS D 90 -19.39 0.12 -24.83
C HIS D 90 -19.36 1.67 -24.67
N CYS D 91 -19.61 2.15 -23.46
CA CYS D 91 -19.63 3.59 -23.24
C CYS D 91 -18.23 4.19 -23.37
N VAL D 92 -17.24 3.60 -22.74
CA VAL D 92 -15.90 4.16 -22.81
C VAL D 92 -15.40 4.10 -24.26
N GLU D 93 -15.66 2.98 -24.93
CA GLU D 93 -15.20 2.80 -26.30
C GLU D 93 -15.86 3.82 -27.22
N SER D 94 -17.15 4.05 -27.01
CA SER D 94 -17.84 4.99 -27.88
C SER D 94 -17.26 6.35 -27.67
N ALA D 95 -16.94 6.69 -26.43
CA ALA D 95 -16.40 8.03 -26.15
C ALA D 95 -15.07 8.16 -26.80
N LEU D 96 -14.23 7.17 -26.60
CA LEU D 96 -12.93 7.21 -27.22
C LEU D 96 -13.03 7.32 -28.72
N ARG D 97 -13.87 6.49 -29.32
CA ARG D 97 -14.04 6.48 -30.76
C ARG D 97 -14.61 7.80 -31.32
N ASP D 98 -15.64 8.34 -30.70
CA ASP D 98 -16.27 9.57 -31.18
C ASP D 98 -15.58 10.84 -30.67
N GLY D 99 -14.38 10.74 -30.10
CA GLY D 99 -13.67 11.93 -29.61
C GLY D 99 -14.40 12.77 -28.57
N VAL D 100 -15.21 12.13 -27.72
CA VAL D 100 -15.89 12.80 -26.60
C VAL D 100 -14.83 13.09 -25.52
N PRO D 101 -14.58 14.36 -25.23
CA PRO D 101 -13.53 14.61 -24.25
C PRO D 101 -13.96 14.36 -22.80
N GLY D 102 -12.99 13.97 -21.98
CA GLY D 102 -13.15 13.94 -20.55
C GLY D 102 -12.68 12.68 -19.87
N ASP D 103 -12.73 12.73 -18.54
CA ASP D 103 -12.34 11.62 -17.73
C ASP D 103 -13.53 10.69 -17.51
N VAL D 104 -13.24 9.61 -16.81
CA VAL D 104 -14.22 8.64 -16.40
C VAL D 104 -14.38 8.81 -14.90
N LEU D 105 -15.61 8.95 -14.43
CA LEU D 105 -15.84 9.09 -12.98
C LEU D 105 -16.78 8.04 -12.54
N GLU D 106 -16.34 7.32 -11.54
CA GLU D 106 -17.15 6.30 -10.92
C GLU D 106 -17.51 6.71 -9.48
N THR D 107 -18.79 6.76 -9.12
CA THR D 107 -19.14 7.05 -7.72
C THR D 107 -19.82 5.88 -7.07
N GLY D 108 -19.29 5.39 -5.95
CA GLY D 108 -19.86 4.20 -5.31
C GLY D 108 -18.97 3.03 -5.70
N VAL D 109 -18.28 2.47 -4.73
CA VAL D 109 -17.25 1.51 -4.98
C VAL D 109 -17.27 0.43 -3.91
N TRP D 110 -17.25 -0.80 -4.39
CA TRP D 110 -17.18 -1.99 -3.59
C TRP D 110 -15.68 -2.24 -3.39
N ARG D 111 -15.13 -3.19 -4.12
CA ARG D 111 -13.71 -3.51 -4.04
C ARG D 111 -12.93 -2.99 -5.24
N GLY D 112 -13.62 -2.38 -6.19
CA GLY D 112 -12.96 -1.60 -7.23
C GLY D 112 -12.94 -2.16 -8.63
N GLY D 113 -13.63 -3.28 -8.83
CA GLY D 113 -13.60 -4.02 -10.10
C GLY D 113 -14.03 -3.20 -11.30
N ALA D 114 -15.08 -2.41 -11.16
CA ALA D 114 -15.58 -1.69 -12.30
C ALA D 114 -14.63 -0.59 -12.65
N CYS D 115 -13.94 -0.03 -11.66
CA CYS D 115 -12.95 1.03 -11.92
C CYS D 115 -11.67 0.54 -12.48
N ILE D 116 -11.29 -0.62 -11.99
CA ILE D 116 -10.15 -1.32 -12.53
C ILE D 116 -10.40 -1.57 -14.03
N PHE D 117 -11.59 -2.08 -14.33
CA PHE D 117 -11.94 -2.36 -15.69
C PHE D 117 -11.82 -1.11 -16.53
N ALA D 118 -12.36 -0.02 -16.02
CA ALA D 118 -12.29 1.19 -16.78
C ALA D 118 -10.84 1.55 -17.06
N ARG D 119 -9.94 1.39 -16.09
CA ARG D 119 -8.55 1.86 -16.30
C ARG D 119 -7.98 0.91 -17.35
N GLY D 120 -8.38 -0.33 -17.27
CA GLY D 120 -7.92 -1.32 -18.20
C GLY D 120 -8.32 -1.02 -19.63
N ILE D 121 -9.54 -0.54 -19.81
CA ILE D 121 -9.97 -0.20 -21.15
C ILE D 121 -9.04 0.89 -21.68
N LEU D 122 -8.74 1.89 -20.88
CA LEU D 122 -7.95 3.01 -21.39
C LEU D 122 -6.55 2.54 -21.69
N LYS D 123 -6.06 1.64 -20.85
CA LYS D 123 -4.76 1.03 -21.06
C LYS D 123 -4.63 0.20 -22.36
N ALA D 124 -5.69 -0.52 -22.67
CA ALA D 124 -5.76 -1.37 -23.83
C ALA D 124 -5.62 -0.56 -25.10
N TYR D 125 -6.19 0.64 -25.14
CA TYR D 125 -6.06 1.55 -26.28
C TYR D 125 -4.95 2.58 -26.05
N ASP D 126 -4.08 2.32 -25.08
CA ASP D 126 -2.93 3.19 -24.79
C ASP D 126 -3.33 4.68 -24.77
N VAL D 127 -4.35 4.99 -23.98
CA VAL D 127 -4.83 6.35 -23.79
C VAL D 127 -4.10 6.88 -22.59
N ARG D 128 -3.38 7.98 -22.78
CA ARG D 128 -2.55 8.52 -21.71
C ARG D 128 -3.09 9.82 -21.09
N ASP D 129 -4.15 10.36 -21.67
CA ASP D 129 -4.61 11.73 -21.38
C ASP D 129 -6.00 11.76 -20.70
N ARG D 130 -6.42 10.64 -20.11
CA ARG D 130 -7.66 10.56 -19.38
C ARG D 130 -7.45 9.82 -18.08
N THR D 131 -8.31 10.14 -17.13
CA THR D 131 -8.16 9.63 -15.78
C THR D 131 -9.43 8.94 -15.34
N VAL D 132 -9.25 7.94 -14.48
CA VAL D 132 -10.37 7.27 -13.86
C VAL D 132 -10.40 7.80 -12.44
N TRP D 133 -11.47 8.53 -12.11
CA TRP D 133 -11.70 9.02 -10.74
C TRP D 133 -12.51 7.99 -9.99
N VAL D 134 -12.05 7.65 -8.81
CA VAL D 134 -12.70 6.62 -8.01
C VAL D 134 -13.20 7.25 -6.69
N ALA D 135 -14.50 7.57 -6.61
CA ALA D 135 -15.10 8.32 -5.50
C ALA D 135 -15.96 7.46 -4.62
N ASP D 136 -15.74 7.53 -3.30
CA ASP D 136 -16.56 6.77 -2.32
C ASP D 136 -16.24 7.26 -0.91
N SER D 137 -17.08 6.90 0.05
CA SER D 137 -16.77 7.03 1.49
C SER D 137 -15.56 6.26 1.95
N PHE D 138 -15.57 4.96 1.68
CA PHE D 138 -14.65 4.01 2.29
C PHE D 138 -14.90 3.96 3.81
N THR D 168 -13.03 -3.08 0.82
CA THR D 168 -13.80 -1.81 0.88
C THR D 168 -13.13 -0.65 1.67
N SER D 169 -11.88 -0.81 2.10
CA SER D 169 -11.08 0.36 2.56
C SER D 169 -10.27 0.84 1.36
N LEU D 170 -9.82 2.08 1.42
CA LEU D 170 -9.13 2.67 0.31
C LEU D 170 -7.83 1.92 -0.01
N ALA D 171 -7.09 1.53 1.02
CA ALA D 171 -5.86 0.71 0.87
C ALA D 171 -6.14 -0.59 0.10
N THR D 172 -7.20 -1.28 0.49
CA THR D 172 -7.62 -2.49 -0.21
C THR D 172 -7.86 -2.24 -1.71
N VAL D 173 -8.57 -1.16 -2.04
CA VAL D 173 -8.88 -0.87 -3.44
C VAL D 173 -7.61 -0.57 -4.25
N GLN D 174 -6.71 0.22 -3.68
CA GLN D 174 -5.41 0.45 -4.29
C GLN D 174 -4.62 -0.84 -4.51
N ARG D 175 -4.60 -1.70 -3.49
CA ARG D 175 -3.88 -2.95 -3.59
C ARG D 175 -4.49 -3.69 -4.79
N ASN D 176 -5.83 -3.70 -4.90
CA ASN D 176 -6.45 -4.45 -5.97
C ASN D 176 -6.06 -3.97 -7.34
N PHE D 177 -6.06 -2.65 -7.56
CA PHE D 177 -5.59 -2.06 -8.82
C PHE D 177 -4.20 -2.56 -9.15
N SER D 178 -3.40 -2.47 -8.11
CA SER D 178 -2.01 -2.85 -8.17
C SER D 178 -1.85 -4.29 -8.65
N ARG D 179 -2.73 -5.19 -8.23
CA ARG D 179 -2.65 -6.59 -8.60
C ARG D 179 -2.75 -6.80 -10.11
N TYR D 180 -3.45 -5.91 -10.81
CA TYR D 180 -3.58 -6.05 -12.26
C TYR D 180 -2.55 -5.21 -12.98
N GLY D 181 -1.59 -4.60 -12.29
CA GLY D 181 -0.67 -3.67 -12.93
C GLY D 181 -1.33 -2.40 -13.44
N LEU D 182 -2.38 -1.97 -12.78
CA LEU D 182 -3.14 -0.82 -13.25
C LEU D 182 -3.28 0.26 -12.22
N LEU D 183 -2.47 0.22 -11.17
CA LEU D 183 -2.39 1.37 -10.26
C LEU D 183 -1.30 2.36 -10.70
N ASP D 184 -1.72 3.55 -11.15
CA ASP D 184 -0.80 4.55 -11.67
C ASP D 184 -1.42 5.95 -11.60
N ASP D 185 -0.76 6.92 -12.24
CA ASP D 185 -1.11 8.35 -12.08
C ASP D 185 -2.43 8.72 -12.79
N GLN D 186 -2.95 7.80 -13.62
CA GLN D 186 -4.24 7.96 -14.31
C GLN D 186 -5.42 7.34 -13.56
N VAL D 187 -5.18 6.96 -12.32
CA VAL D 187 -6.22 6.56 -11.40
C VAL D 187 -6.12 7.51 -10.21
N ARG D 188 -7.18 8.24 -9.87
CA ARG D 188 -7.13 9.23 -8.76
C ARG D 188 -8.33 8.95 -7.89
N PHE D 189 -8.12 9.03 -6.58
CA PHE D 189 -9.13 8.63 -5.62
C PHE D 189 -9.73 9.85 -4.95
N LEU D 190 -11.03 9.80 -4.63
CA LEU D 190 -11.74 10.88 -3.97
C LEU D 190 -12.49 10.36 -2.74
N PRO D 191 -11.79 10.18 -1.62
CA PRO D 191 -12.44 9.66 -0.40
C PRO D 191 -13.28 10.73 0.25
N GLY D 192 -14.46 10.34 0.73
CA GLY D 192 -15.36 11.28 1.34
C GLY D 192 -16.78 11.21 0.81
N TRP D 193 -17.64 12.02 1.43
CA TRP D 193 -19.06 12.07 1.07
C TRP D 193 -19.10 12.91 -0.18
N PHE D 194 -20.04 12.59 -1.07
CA PHE D 194 -20.07 13.18 -2.40
C PHE D 194 -20.40 14.67 -2.38
N LYS D 195 -21.22 15.09 -1.41
CA LYS D 195 -21.46 16.54 -1.24
C LYS D 195 -20.16 17.31 -0.95
N ASP D 196 -19.21 16.69 -0.24
CA ASP D 196 -17.90 17.29 0.05
C ASP D 196 -16.88 17.16 -1.09
N THR D 197 -16.80 15.97 -1.70
CA THR D 197 -15.76 15.66 -2.66
C THR D 197 -16.01 16.19 -4.08
N PRO D 199 -17.86 19.02 -5.63
CA PRO D 199 -17.73 20.40 -6.16
C PRO D 199 -16.31 20.81 -6.50
N THR D 200 -15.33 20.28 -5.76
CA THR D 200 -13.93 20.67 -5.90
C THR D 200 -13.06 19.67 -6.65
N ALA D 201 -13.62 18.60 -7.19
CA ALA D 201 -12.79 17.58 -7.79
C ALA D 201 -12.13 18.15 -9.04
N PRO D 202 -10.82 17.94 -9.18
CA PRO D 202 -10.08 18.67 -10.22
C PRO D 202 -10.36 18.33 -11.65
N PHE D 203 -11.39 17.56 -11.96
CA PHE D 203 -11.63 17.25 -13.36
C PHE D 203 -12.43 18.36 -14.01
N GLU D 204 -12.12 18.70 -15.25
CA GLU D 204 -12.88 19.73 -15.91
C GLU D 204 -14.00 19.13 -16.70
N ARG D 205 -13.79 17.94 -17.25
CA ARG D 205 -14.83 17.34 -18.07
C ARG D 205 -14.89 15.83 -17.83
N LEU D 206 -16.06 15.25 -18.10
CA LEU D 206 -16.24 13.82 -18.02
C LEU D 206 -16.77 13.28 -19.32
N ALA D 207 -16.24 12.12 -19.73
CA ALA D 207 -16.80 11.39 -20.87
C ALA D 207 -17.76 10.28 -20.43
N VAL D 208 -17.53 9.76 -19.24
CA VAL D 208 -18.41 8.75 -18.70
C VAL D 208 -18.57 9.05 -17.23
N LEU D 209 -19.82 9.01 -16.77
CA LEU D 209 -20.14 9.19 -15.37
C LEU D 209 -20.99 8.00 -14.97
N ARG D 210 -20.48 7.17 -14.07
CA ARG D 210 -21.20 5.98 -13.65
C ARG D 210 -21.51 5.99 -12.17
N ASP D 212 -23.13 4.18 -8.84
CA ASP D 212 -23.52 2.90 -8.25
C ASP D 212 -23.98 3.18 -6.83
N GLY D 213 -25.15 2.74 -6.46
CA GLY D 213 -25.71 3.12 -5.15
C GLY D 213 -27.19 3.40 -5.27
N ASP D 214 -27.97 2.96 -4.29
CA ASP D 214 -29.43 3.03 -4.41
C ASP D 214 -30.02 4.17 -3.56
N SER D 215 -29.15 5.03 -3.03
CA SER D 215 -29.59 6.11 -2.21
C SER D 215 -29.96 7.37 -3.08
N TYR D 216 -31.13 7.92 -2.78
CA TYR D 216 -31.59 9.14 -3.37
C TYR D 216 -30.51 10.21 -3.23
N GLY D 217 -29.93 10.31 -2.02
CA GLY D 217 -29.05 11.43 -1.69
C GLY D 217 -27.74 11.37 -2.44
N ALA D 218 -27.14 10.19 -2.46
CA ALA D 218 -25.90 10.02 -3.18
C ALA D 218 -26.10 10.32 -4.69
N THR D 219 -27.17 9.73 -5.24
CA THR D 219 -27.52 9.95 -6.61
C THR D 219 -27.71 11.42 -6.95
N ASP D 221 -26.68 14.07 -5.15
CA ASP D 221 -25.43 14.82 -4.94
C ASP D 221 -24.51 14.73 -6.20
N VAL D 222 -24.33 13.52 -6.72
CA VAL D 222 -23.45 13.33 -7.87
C VAL D 222 -23.99 14.04 -9.11
N LEU D 223 -25.28 13.86 -9.37
CA LEU D 223 -25.89 14.56 -10.50
C LEU D 223 -25.72 16.05 -10.37
N THR D 224 -25.93 16.58 -9.18
CA THR D 224 -25.96 18.03 -9.00
C THR D 224 -24.59 18.64 -9.28
N HIS D 225 -23.55 18.00 -8.74
CA HIS D 225 -22.21 18.55 -8.74
C HIS D 225 -21.27 17.97 -9.78
N ALA D 226 -21.69 16.93 -10.50
CA ALA D 226 -20.82 16.36 -11.55
C ALA D 226 -21.42 16.29 -12.91
N TYR D 227 -22.71 16.01 -13.02
CA TYR D 227 -23.31 15.89 -14.35
C TYR D 227 -23.07 17.14 -15.20
N PRO D 228 -23.01 18.31 -14.59
CA PRO D 228 -22.79 19.44 -15.49
C PRO D 228 -21.46 19.40 -16.17
N ARG D 229 -20.50 18.66 -15.63
CA ARG D 229 -19.22 18.52 -16.31
C ARG D 229 -19.16 17.38 -17.35
N LEU D 230 -20.29 16.69 -17.54
CA LEU D 230 -20.34 15.62 -18.51
C LEU D 230 -20.46 16.17 -19.94
N SER D 231 -19.44 15.95 -20.77
CA SER D 231 -19.46 16.40 -22.16
C SER D 231 -20.65 15.89 -22.95
N PRO D 232 -21.00 16.63 -24.01
CA PRO D 232 -22.03 16.15 -24.94
C PRO D 232 -21.50 14.92 -25.60
N GLY D 233 -22.35 13.92 -25.81
CA GLY D 233 -21.87 12.64 -26.27
C GLY D 233 -21.37 11.73 -25.15
N GLY D 234 -21.28 12.26 -23.93
CA GLY D 234 -20.87 11.46 -22.80
C GLY D 234 -22.00 10.60 -22.30
N PHE D 235 -21.68 9.67 -21.40
CA PHE D 235 -22.65 8.71 -20.90
C PHE D 235 -22.88 8.83 -19.43
N ALA D 236 -24.12 8.70 -19.03
CA ALA D 236 -24.41 8.65 -17.63
C ALA D 236 -25.03 7.31 -17.41
N ILE D 237 -24.46 6.55 -16.48
CA ILE D 237 -24.87 5.18 -16.20
C ILE D 237 -25.36 5.11 -14.78
N ILE D 238 -26.51 4.50 -14.58
CA ILE D 238 -27.13 4.46 -13.26
C ILE D 238 -27.26 3.01 -12.92
N ASP D 239 -26.45 2.54 -11.99
CA ASP D 239 -26.44 1.11 -11.72
C ASP D 239 -27.69 0.60 -11.06
N ASP D 240 -28.27 1.39 -10.15
CA ASP D 240 -29.35 0.85 -9.31
C ASP D 240 -30.69 1.55 -9.54
N TYR D 241 -30.95 1.86 -10.80
CA TYR D 241 -32.12 2.60 -11.25
C TYR D 241 -33.45 1.94 -10.94
N CYS D 242 -33.51 0.62 -10.88
CA CYS D 242 -34.76 -0.04 -10.54
C CYS D 242 -35.20 0.32 -9.13
N ILE D 243 -34.27 0.76 -8.27
CA ILE D 243 -34.61 1.08 -6.87
C ILE D 243 -35.32 2.44 -6.82
N PRO D 244 -36.56 2.48 -6.26
CA PRO D 244 -37.39 3.67 -6.34
C PRO D 244 -36.69 4.96 -5.90
N ALA D 245 -35.89 4.87 -4.85
CA ALA D 245 -35.21 6.08 -4.36
C ALA D 245 -34.22 6.63 -5.36
N CYS D 246 -33.52 5.71 -6.01
CA CYS D 246 -32.59 6.05 -7.05
C CYS D 246 -33.31 6.66 -8.26
N ARG D 247 -34.35 5.95 -8.73
CA ARG D 247 -35.19 6.37 -9.85
C ARG D 247 -35.76 7.78 -9.67
N GLU D 248 -36.23 8.06 -8.44
CA GLU D 248 -36.81 9.36 -8.09
C GLU D 248 -35.77 10.45 -8.16
N ALA D 249 -34.56 10.18 -7.64
CA ALA D 249 -33.48 11.16 -7.75
C ALA D 249 -33.19 11.49 -9.21
N VAL D 250 -33.19 10.45 -10.05
CA VAL D 250 -32.90 10.60 -11.45
C VAL D 250 -34.03 11.38 -12.13
N HIS D 251 -35.30 11.05 -11.88
CA HIS D 251 -36.38 11.80 -12.57
C HIS D 251 -36.47 13.22 -12.11
N GLU D 252 -36.21 13.46 -10.85
CA GLU D 252 -36.26 14.82 -10.37
C GLU D 252 -35.14 15.65 -10.96
N TYR D 253 -33.93 15.11 -11.01
CA TYR D 253 -32.82 15.87 -11.56
C TYR D 253 -33.07 16.18 -13.03
N ARG D 254 -33.56 15.20 -13.79
CA ARG D 254 -33.78 15.43 -15.21
C ARG D 254 -34.87 16.48 -15.47
N ASP D 255 -35.98 16.36 -14.75
CA ASP D 255 -37.11 17.30 -14.91
C ASP D 255 -36.71 18.68 -14.47
N ARG D 256 -35.98 18.80 -13.35
CA ARG D 256 -35.43 20.09 -12.92
C ARG D 256 -34.52 20.72 -14.01
N HIS D 257 -33.76 19.92 -14.77
CA HIS D 257 -32.86 20.50 -15.78
C HIS D 257 -33.33 20.31 -17.23
N GLY D 258 -34.58 19.92 -17.44
CA GLY D 258 -35.12 19.80 -18.80
C GLY D 258 -34.46 18.74 -19.67
N ILE D 259 -33.93 17.70 -19.04
CA ILE D 259 -33.20 16.66 -19.75
C ILE D 259 -34.12 15.52 -20.16
N SER D 260 -34.18 15.24 -21.45
CA SER D 260 -35.06 14.19 -21.93
C SER D 260 -34.32 13.21 -22.82
N ASP D 261 -33.00 13.15 -22.72
CA ASP D 261 -32.23 12.15 -23.44
C ASP D 261 -32.70 10.72 -23.16
N GLU D 262 -32.82 9.87 -24.17
CA GLU D 262 -33.44 8.56 -23.95
C GLU D 262 -32.73 7.71 -22.89
N ILE D 263 -33.53 7.21 -21.96
CA ILE D 263 -33.06 6.28 -20.94
C ILE D 263 -33.11 4.88 -21.54
N VAL D 264 -31.95 4.22 -21.59
CA VAL D 264 -31.80 2.97 -22.25
C VAL D 264 -31.54 1.88 -21.22
N GLU D 265 -32.25 0.79 -21.35
CA GLU D 265 -32.14 -0.27 -20.37
C GLU D 265 -30.85 -1.09 -20.58
N ILE D 266 -30.15 -1.43 -19.51
CA ILE D 266 -28.96 -2.29 -19.61
C ILE D 266 -29.32 -3.70 -19.23
N ASP D 267 -30.01 -3.84 -18.09
CA ASP D 267 -30.50 -5.14 -17.62
C ASP D 267 -31.69 -4.93 -16.68
N ARG D 268 -31.94 -5.84 -15.75
CA ARG D 268 -33.14 -5.68 -14.88
C ARG D 268 -33.01 -4.46 -13.96
N GLN D 269 -31.77 -4.01 -13.68
CA GLN D 269 -31.58 -2.92 -12.71
C GLN D 269 -30.95 -1.61 -13.19
N GLY D 270 -30.07 -1.64 -14.19
CA GLY D 270 -29.35 -0.44 -14.57
C GLY D 270 -29.78 0.14 -15.89
N VAL D 271 -29.53 1.43 -16.04
CA VAL D 271 -29.81 2.11 -17.28
C VAL D 271 -28.74 3.14 -17.55
N TYR D 272 -28.73 3.68 -18.76
CA TYR D 272 -27.88 4.81 -19.05
C TYR D 272 -28.51 5.72 -20.10
N TRP D 273 -27.92 6.87 -20.27
CA TRP D 273 -28.34 7.78 -21.30
C TRP D 273 -27.11 8.47 -21.83
N ARG D 274 -27.23 8.91 -23.07
CA ARG D 274 -26.19 9.64 -23.71
C ARG D 274 -26.59 11.10 -23.81
N ARG D 275 -25.74 11.98 -23.30
CA ARG D 275 -26.00 13.39 -23.27
C ARG D 275 -25.93 14.04 -24.65
N SER D 276 -27.02 14.71 -25.03
CA SER D 276 -27.07 15.48 -26.29
C SER D 276 -26.72 16.98 -26.12
N ALA D 277 -26.17 17.56 -27.20
CA ALA D 277 -25.86 19.00 -27.35
C ALA D 277 -27.00 19.70 -28.06
#